data_4HAC
#
_entry.id   4HAC
#
_cell.length_a   97.295
_cell.length_b   135.359
_cell.length_c   45.867
_cell.angle_alpha   90.000
_cell.angle_beta   90.000
_cell.angle_gamma   90.000
#
_symmetry.space_group_name_H-M   'P 21 21 2'
#
loop_
_entity.id
_entity.type
_entity.pdbx_description
1 polymer 'Mevalonate kinase'
2 polymer 'Mevalonate kinase'
3 non-polymer 'MAGNESIUM ION'
4 water water
#
loop_
_entity_poly.entity_id
_entity_poly.type
_entity_poly.pdbx_seq_one_letter_code
_entity_poly.pdbx_strand_id
1 'polypeptide(L)'
;MGSSHHHHHHSSGLVPRGSHMVSCSAPGKIYLFGEHAVVYGETAIACAVELRTRVRAELNDSITIQSQIGRTGLDFEKHP
YVSAVIEK(MSE)RKSIPINGVFLTVDSDIPVGSGLGSSAAVTIASIGALNELFGFGLSLQEIAKLGHEIEIKVQGAASP
TDTYVSTFGGVVTIPERRKLKTPDCGIVIGDTGVFSSTKELVANVRQLRESYPDLIEPL(MSE)TSIGKISRIGEQLVLS
GDYASIGRL(MSE)NVNQGLLDALGVNILELSQLIYSARAAGAFGAKITGAGGGGC(MSE)VALTAPEKCNQVAEAVAGA
GGKVTITKPTEQGLKVD
;
A
2 'polypeptide(L)'
;MGSSHHHHHHSSGLVPRGSH(MSE)VSCSAPGKIYLFGEHAVVYGETAIACAVELRTRVRAELNDSITIQSQIGRTGLDF
EKHPYVSAVIEK(MSE)RKSIPINGVFLTVDSDIPVGSGLGSSAAVTIASIGALNELFGFGLSLQEIAKLGHEIEIKVQG
AASPTDTYVSTFGGVVTIPERRKLKTPDCGIVIGDTGVFSSTKELVANVRQLRESYPDLIEPL(MSE)TSIGKISRIGEQ
LVLSGDYASIGRL(MSE)NVNQGLLDALGVNILELSQLIYSARAAGAFGAKITGAGGGGC(MSE)VALTAPEKCNQVAEA
VAGAGGKVTITKPTEQGLKVD
;
B
#
loop_
_chem_comp.id
_chem_comp.type
_chem_comp.name
_chem_comp.formula
MG non-polymer 'MAGNESIUM ION' 'Mg 2'
#
# COMPACT_ATOMS: atom_id res chain seq x y z
N HIS A 10 42.87 20.98 13.31
CA HIS A 10 41.79 21.90 13.76
C HIS A 10 42.22 23.32 14.28
N SER A 11 41.89 23.63 15.52
CA SER A 11 41.67 25.02 15.96
C SER A 11 42.84 26.04 15.84
N SER A 12 42.53 27.30 16.18
CA SER A 12 43.45 28.41 16.09
C SER A 12 44.49 28.28 17.24
N GLY A 13 45.69 28.83 17.07
CA GLY A 13 46.72 28.93 18.11
C GLY A 13 46.28 29.83 19.28
N LEU A 14 45.22 30.60 19.09
CA LEU A 14 44.80 31.57 20.14
C LEU A 14 43.83 30.95 21.14
N VAL A 15 44.09 31.12 22.43
CA VAL A 15 43.16 30.66 23.44
C VAL A 15 42.47 31.89 24.07
N PRO A 16 41.18 32.07 23.86
CA PRO A 16 40.44 33.22 24.40
C PRO A 16 40.53 33.28 25.94
N ARG A 17 40.32 34.47 26.54
CA ARG A 17 40.30 34.67 27.98
C ARG A 17 38.83 34.98 28.30
N GLY A 18 38.33 34.52 29.44
CA GLY A 18 36.92 34.72 29.84
C GLY A 18 35.90 34.06 28.94
N SER A 19 34.75 34.70 28.77
CA SER A 19 33.53 33.98 28.31
C SER A 19 33.54 33.64 26.82
N HIS A 20 33.28 32.38 26.46
CA HIS A 20 33.26 31.92 25.05
C HIS A 20 31.83 31.80 24.45
N MET A 21 31.76 31.82 23.12
CA MET A 21 30.62 31.31 22.39
C MET A 21 30.34 29.86 22.79
N VAL A 22 29.07 29.54 22.95
CA VAL A 22 28.59 28.20 23.26
C VAL A 22 27.76 27.73 22.04
N SER A 23 27.70 26.43 21.82
CA SER A 23 27.05 25.87 20.65
C SER A 23 26.40 24.55 21.05
N CYS A 24 25.09 24.38 20.80
CA CYS A 24 24.44 23.04 20.97
C CYS A 24 23.73 22.70 19.67
N SER A 25 23.60 21.40 19.37
CA SER A 25 22.84 20.98 18.18
C SER A 25 21.87 19.88 18.64
N ALA A 26 20.78 19.72 17.89
CA ALA A 26 19.77 18.65 18.17
C ALA A 26 19.31 18.10 16.82
N PRO A 27 19.04 16.77 16.75
CA PRO A 27 18.75 16.12 15.46
C PRO A 27 17.26 16.02 15.10
N GLY A 28 17.00 15.83 13.81
CA GLY A 28 15.70 15.43 13.27
C GLY A 28 15.57 13.92 13.43
N LYS A 29 14.47 13.34 12.91
CA LYS A 29 14.22 11.92 13.12
C LYS A 29 13.36 11.38 12.02
N ILE A 30 13.49 10.09 11.75
CA ILE A 30 12.46 9.44 10.92
C ILE A 30 11.79 8.30 11.75
N TYR A 31 10.69 7.75 11.24
CA TYR A 31 10.07 6.64 11.94
C TYR A 31 10.45 5.37 11.21
N LEU A 32 11.14 4.47 11.87
CA LEU A 32 11.28 3.12 11.29
C LEU A 32 9.93 2.39 11.18
N PHE A 33 9.19 2.37 12.27
CA PHE A 33 7.80 1.91 12.26
C PHE A 33 6.89 2.71 13.10
N GLY A 34 5.59 2.76 12.70
CA GLY A 34 4.57 3.02 13.66
C GLY A 34 4.03 4.41 13.70
N GLU A 35 4.43 5.30 12.77
CA GLU A 35 3.74 6.63 12.65
C GLU A 35 2.23 6.39 12.56
N HIS A 36 1.40 7.32 13.00
CA HIS A 36 -0.06 7.15 13.01
C HIS A 36 -0.62 6.15 14.01
N ALA A 37 0.12 5.13 14.42
CA ALA A 37 -0.47 4.19 15.38
C ALA A 37 -0.34 4.55 16.86
N VAL A 38 0.56 5.47 17.23
CA VAL A 38 0.77 5.77 18.64
C VAL A 38 -0.51 6.33 19.33
N VAL A 39 -1.17 7.26 18.64
CA VAL A 39 -2.40 7.89 19.18
C VAL A 39 -3.51 6.86 19.39
N TYR A 40 -3.34 5.65 18.88
CA TYR A 40 -4.33 4.56 19.07
C TYR A 40 -3.85 3.47 20.11
N GLY A 41 -2.91 3.87 20.97
CA GLY A 41 -2.30 2.96 21.98
C GLY A 41 -1.24 1.94 21.52
N GLU A 42 -0.68 2.15 20.33
CA GLU A 42 0.31 1.23 19.78
C GLU A 42 1.76 1.71 19.96
N THR A 43 2.72 0.80 19.73
CA THR A 43 4.16 1.18 19.74
C THR A 43 4.68 1.58 18.36
N ALA A 44 5.67 2.49 18.37
CA ALA A 44 6.44 2.94 17.20
C ALA A 44 7.94 2.80 17.51
N ILE A 45 8.77 2.88 16.48
CA ILE A 45 10.21 3.05 16.68
C ILE A 45 10.73 4.23 15.86
N ALA A 46 11.32 5.22 16.54
CA ALA A 46 11.78 6.41 15.84
C ALA A 46 13.29 6.29 15.80
N CYS A 47 13.92 6.94 14.82
CA CYS A 47 15.38 6.87 14.75
C CYS A 47 15.84 8.24 14.47
N ALA A 48 16.59 8.83 15.38
CA ALA A 48 17.12 10.19 15.14
C ALA A 48 18.18 10.13 14.05
N VAL A 49 18.27 11.15 13.17
CA VAL A 49 19.30 11.01 12.10
C VAL A 49 20.30 12.17 12.14
N GLU A 50 21.39 12.07 11.38
CA GLU A 50 22.42 13.10 11.40
C GLU A 50 22.07 14.34 10.53
N LEU A 51 20.93 14.95 10.80
CA LEU A 51 20.55 16.24 10.22
C LEU A 51 20.20 17.03 11.47
N ARG A 52 20.96 18.09 11.72
CA ARG A 52 20.84 18.82 12.99
C ARG A 52 20.51 20.29 12.82
N THR A 53 19.79 20.86 13.79
CA THR A 53 19.72 22.30 13.99
C THR A 53 20.71 22.73 15.05
N ARG A 54 21.54 23.70 14.71
CA ARG A 54 22.56 24.17 15.63
C ARG A 54 22.21 25.57 16.12
N VAL A 55 22.39 25.82 17.43
CA VAL A 55 22.14 27.14 17.99
C VAL A 55 23.42 27.58 18.70
N ARG A 56 23.99 28.69 18.24
CA ARG A 56 25.15 29.29 18.89
C ARG A 56 24.73 30.50 19.70
N ALA A 57 25.35 30.69 20.87
CA ALA A 57 24.87 31.67 21.83
C ALA A 57 26.09 32.39 22.49
N GLU A 58 25.97 33.70 22.69
CA GLU A 58 27.00 34.58 23.32
C GLU A 58 26.26 35.60 24.22
N LEU A 59 26.93 36.07 25.28
CA LEU A 59 26.33 37.09 26.18
C LEU A 59 26.22 38.36 25.36
N ASN A 60 25.17 39.15 25.62
CA ASN A 60 24.91 40.39 24.95
C ASN A 60 24.00 41.21 25.84
N ASP A 61 24.02 42.52 25.70
CA ASP A 61 23.13 43.38 26.51
C ASP A 61 21.68 43.35 26.04
N SER A 62 21.48 42.96 24.80
CA SER A 62 20.12 42.75 24.38
C SER A 62 20.00 41.42 23.68
N ILE A 63 18.82 41.22 23.15
CA ILE A 63 18.48 40.01 22.46
C ILE A 63 18.54 40.17 20.94
N THR A 64 19.25 39.25 20.31
CA THR A 64 19.42 39.21 18.86
C THR A 64 19.34 37.75 18.45
N ILE A 65 18.49 37.45 17.47
CA ILE A 65 18.31 36.09 16.96
C ILE A 65 18.53 36.20 15.46
N GLN A 66 19.50 35.44 14.96
CA GLN A 66 19.88 35.45 13.55
C GLN A 66 19.65 34.01 13.03
N SER A 67 18.95 33.87 11.90
CA SER A 67 18.68 32.55 11.28
C SER A 67 18.46 32.71 9.77
N GLN A 68 18.16 31.61 9.04
CA GLN A 68 17.99 31.62 7.57
C GLN A 68 16.97 32.66 7.08
N ILE A 69 16.14 33.16 8.00
CA ILE A 69 15.13 34.17 7.70
C ILE A 69 15.56 35.63 7.91
N GLY A 70 16.72 35.89 8.52
CA GLY A 70 17.26 37.24 8.79
C GLY A 70 17.59 37.44 10.27
N ARG A 71 17.95 38.67 10.65
CA ARG A 71 18.28 39.04 12.05
C ARG A 71 17.13 39.84 12.76
N THR A 72 16.66 39.40 13.94
CA THR A 72 15.64 40.16 14.69
C THR A 72 16.03 40.35 16.18
N GLY A 73 15.32 41.23 16.87
CA GLY A 73 15.31 41.23 18.35
C GLY A 73 14.48 40.03 18.82
N LEU A 74 14.00 40.03 20.07
CA LEU A 74 13.05 38.99 20.52
C LEU A 74 11.81 39.18 19.71
N ASP A 75 11.24 38.10 19.18
CA ASP A 75 10.19 38.19 18.16
C ASP A 75 9.38 36.89 18.05
N PHE A 76 8.19 36.90 18.62
CA PHE A 76 7.29 35.75 18.64
C PHE A 76 6.56 35.39 17.33
N GLU A 77 6.75 36.18 16.28
CA GLU A 77 6.15 35.85 14.99
C GLU A 77 7.24 35.23 14.14
N LYS A 78 8.33 35.97 13.98
CA LYS A 78 9.44 35.51 13.15
C LYS A 78 10.29 34.41 13.80
N HIS A 79 10.51 34.46 15.11
CA HIS A 79 11.17 33.35 15.80
C HIS A 79 10.33 32.82 16.97
N PRO A 80 9.21 32.13 16.65
CA PRO A 80 8.31 31.74 17.70
C PRO A 80 8.90 30.76 18.73
N TYR A 81 9.71 29.77 18.28
CA TYR A 81 10.26 28.84 19.24
C TYR A 81 11.45 29.40 20.04
N VAL A 82 12.42 30.01 19.39
CA VAL A 82 13.55 30.58 20.14
C VAL A 82 13.01 31.63 21.16
N SER A 83 11.97 32.37 20.74
CA SER A 83 11.47 33.49 21.56
C SER A 83 10.69 32.96 22.76
N ALA A 84 9.89 31.90 22.56
CA ALA A 84 9.22 31.15 23.66
C ALA A 84 10.20 30.48 24.63
N VAL A 85 11.30 29.94 24.12
CA VAL A 85 12.33 29.39 24.98
C VAL A 85 12.91 30.47 25.95
N ILE A 86 13.41 31.59 25.39
CA ILE A 86 13.93 32.67 26.16
C ILE A 86 12.88 33.17 27.17
N GLU A 87 11.64 33.37 26.73
CA GLU A 87 10.53 33.78 27.63
C GLU A 87 10.31 32.81 28.81
N LYS A 88 10.18 31.52 28.53
CA LYS A 88 10.01 30.52 29.61
C LYS A 88 11.22 30.43 30.55
N MSE A 89 12.43 30.29 30.00
CA MSE A 89 13.62 30.21 30.81
C MSE A 89 13.91 31.44 31.70
O MSE A 89 14.41 31.31 32.84
CB MSE A 89 14.80 29.79 29.94
CG MSE A 89 14.64 28.26 29.51
SE MSE A 89 16.09 27.74 28.40
CE MSE A 89 17.41 27.00 29.64
N ARG A 90 13.57 32.62 31.22
CA ARG A 90 13.72 33.82 32.06
C ARG A 90 13.04 33.77 33.41
N LYS A 91 12.08 32.86 33.58
CA LYS A 91 11.25 32.81 34.80
C LYS A 91 11.99 32.17 35.95
N SER A 92 13.02 31.39 35.64
CA SER A 92 13.88 30.82 36.67
C SER A 92 15.22 31.51 36.84
N ILE A 93 15.94 31.75 35.76
CA ILE A 93 17.18 32.51 35.87
C ILE A 93 17.13 33.75 34.94
N PRO A 94 17.57 34.93 35.43
CA PRO A 94 17.63 36.07 34.53
C PRO A 94 18.42 35.80 33.26
N ILE A 95 17.90 36.29 32.13
CA ILE A 95 18.67 36.38 30.90
C ILE A 95 18.55 37.85 30.49
N ASN A 96 19.56 38.63 30.86
CA ASN A 96 19.58 40.08 30.61
C ASN A 96 19.55 40.31 29.10
N GLY A 97 20.37 39.54 28.39
CA GLY A 97 20.37 39.55 26.93
C GLY A 97 21.19 38.38 26.42
N VAL A 98 21.08 38.11 25.11
CA VAL A 98 21.84 37.05 24.45
C VAL A 98 21.80 37.25 22.93
N PHE A 99 22.88 36.86 22.26
CA PHE A 99 22.94 36.85 20.78
C PHE A 99 22.95 35.37 20.29
N LEU A 100 21.92 35.02 19.53
CA LEU A 100 21.66 33.63 19.16
C LEU A 100 21.70 33.48 17.66
N THR A 101 22.50 32.57 17.16
CA THR A 101 22.46 32.25 15.73
C THR A 101 21.99 30.83 15.52
N VAL A 102 21.04 30.66 14.60
CA VAL A 102 20.40 29.40 14.35
C VAL A 102 20.72 29.02 12.92
N ASP A 103 21.27 27.82 12.72
CA ASP A 103 21.30 27.22 11.40
C ASP A 103 20.82 25.75 11.43
N SER A 104 20.44 25.19 10.26
CA SER A 104 19.87 23.82 10.20
C SER A 104 20.07 23.11 8.85
N ASP A 105 20.23 21.78 8.93
CA ASP A 105 20.38 20.84 7.82
C ASP A 105 19.02 20.05 7.66
N ILE A 106 18.06 20.29 8.56
CA ILE A 106 16.79 19.55 8.56
C ILE A 106 15.85 20.23 7.57
N PRO A 107 15.27 19.44 6.63
CA PRO A 107 14.11 19.83 5.79
C PRO A 107 12.79 19.87 6.57
N VAL A 108 11.99 20.87 6.27
CA VAL A 108 10.63 21.05 6.83
C VAL A 108 9.55 19.95 6.65
N GLY A 109 8.84 19.71 7.77
CA GLY A 109 7.70 18.82 7.83
C GLY A 109 8.06 17.35 7.76
N SER A 110 7.06 16.56 7.33
CA SER A 110 7.05 15.05 7.30
C SER A 110 7.45 14.44 8.66
N GLY A 111 6.98 15.07 9.75
CA GLY A 111 7.46 14.79 11.09
C GLY A 111 8.98 14.56 11.15
N LEU A 112 9.75 15.22 10.26
CA LEU A 112 11.24 15.13 10.46
C LEU A 112 11.74 15.87 11.73
N GLY A 113 11.02 16.87 12.21
CA GLY A 113 11.27 17.38 13.56
C GLY A 113 12.09 18.66 13.63
N SER A 114 11.84 19.55 12.67
CA SER A 114 12.57 20.78 12.60
C SER A 114 12.26 21.73 13.79
N SER A 115 10.99 21.83 14.18
CA SER A 115 10.58 22.65 15.32
C SER A 115 11.09 22.09 16.63
N ALA A 116 11.02 20.76 16.72
CA ALA A 116 11.50 20.13 17.91
C ALA A 116 13.01 20.39 18.02
N ALA A 117 13.78 20.20 16.92
CA ALA A 117 15.24 20.43 16.95
C ALA A 117 15.68 21.87 17.35
N VAL A 118 15.00 22.90 16.84
CA VAL A 118 15.37 24.29 17.20
C VAL A 118 15.00 24.53 18.67
N THR A 119 13.85 24.01 19.11
CA THR A 119 13.46 24.11 20.52
C THR A 119 14.51 23.51 21.47
N ILE A 120 14.90 22.27 21.21
CA ILE A 120 15.83 21.57 22.06
C ILE A 120 17.25 22.17 21.99
N ALA A 121 17.69 22.53 20.78
CA ALA A 121 19.04 23.18 20.63
C ALA A 121 19.14 24.49 21.36
N SER A 122 18.05 25.29 21.28
CA SER A 122 17.94 26.58 21.99
C SER A 122 17.96 26.38 23.50
N ILE A 123 17.15 25.45 23.98
CA ILE A 123 17.14 25.16 25.41
C ILE A 123 18.57 24.77 25.83
N GLY A 124 19.18 23.85 25.06
CA GLY A 124 20.51 23.36 25.39
C GLY A 124 21.56 24.47 25.40
N ALA A 125 21.46 25.36 24.41
CA ALA A 125 22.42 26.48 24.33
C ALA A 125 22.25 27.45 25.51
N LEU A 126 21.04 27.88 25.82
CA LEU A 126 20.85 28.72 27.00
C LEU A 126 21.23 27.98 28.32
N ASN A 127 21.01 26.66 28.37
CA ASN A 127 21.37 25.83 29.51
C ASN A 127 22.81 25.96 29.82
N GLU A 128 23.64 25.87 28.78
CA GLU A 128 25.09 25.91 28.91
C GLU A 128 25.54 27.31 29.22
N LEU A 129 25.15 28.25 28.37
CA LEU A 129 25.59 29.67 28.56
C LEU A 129 25.31 30.23 29.96
N PHE A 130 24.08 30.07 30.44
CA PHE A 130 23.59 30.66 31.70
C PHE A 130 23.60 29.75 32.93
N GLY A 131 24.10 28.51 32.76
CA GLY A 131 24.27 27.57 33.88
C GLY A 131 22.99 27.13 34.58
N PHE A 132 21.97 26.73 33.81
CA PHE A 132 20.70 26.28 34.36
C PHE A 132 20.80 24.89 35.03
N GLY A 133 21.81 24.10 34.66
CA GLY A 133 22.01 22.73 35.23
C GLY A 133 20.91 21.73 34.94
N LEU A 134 20.30 21.82 33.76
CA LEU A 134 19.20 20.93 33.45
C LEU A 134 19.76 19.63 32.86
N SER A 135 19.16 18.51 33.27
CA SER A 135 19.46 17.19 32.72
C SER A 135 18.71 17.03 31.43
N LEU A 136 19.08 16.04 30.65
CA LEU A 136 18.28 15.61 29.47
C LEU A 136 16.77 15.42 29.73
N GLN A 137 16.39 14.68 30.78
CA GLN A 137 14.96 14.50 31.03
C GLN A 137 14.28 15.87 31.23
N GLU A 138 14.92 16.76 31.99
CA GLU A 138 14.35 18.10 32.26
C GLU A 138 14.27 18.90 30.96
N ILE A 139 15.27 18.75 30.11
CA ILE A 139 15.28 19.45 28.82
C ILE A 139 14.15 18.97 27.90
N ALA A 140 13.91 17.66 27.85
CA ALA A 140 12.86 17.16 27.00
C ALA A 140 11.50 17.60 27.53
N LYS A 141 11.36 17.61 28.85
CA LYS A 141 10.08 17.97 29.46
C LYS A 141 9.88 19.45 29.13
N LEU A 142 10.91 20.26 29.35
CA LEU A 142 10.78 21.68 29.01
C LEU A 142 10.41 21.93 27.52
N GLY A 143 11.02 21.18 26.61
CA GLY A 143 10.77 21.31 25.17
C GLY A 143 9.33 20.91 24.80
N HIS A 144 8.87 19.81 25.43
CA HIS A 144 7.46 19.39 25.37
C HIS A 144 6.59 20.58 25.80
N GLU A 145 6.94 21.24 26.91
CA GLU A 145 6.15 22.41 27.39
C GLU A 145 6.19 23.56 26.41
N ILE A 146 7.36 23.80 25.80
CA ILE A 146 7.43 24.81 24.77
C ILE A 146 6.55 24.55 23.52
N GLU A 147 6.57 23.31 23.01
CA GLU A 147 5.79 22.98 21.82
C GLU A 147 4.30 23.24 22.15
N ILE A 148 3.87 22.77 23.32
CA ILE A 148 2.48 23.04 23.78
C ILE A 148 2.17 24.54 23.68
N LYS A 149 3.03 25.38 24.28
CA LYS A 149 2.86 26.83 24.28
C LYS A 149 2.74 27.39 22.84
N VAL A 150 3.63 27.00 21.93
CA VAL A 150 3.64 27.59 20.59
C VAL A 150 2.52 27.16 19.63
N GLN A 151 2.16 25.88 19.65
CA GLN A 151 1.20 25.36 18.68
C GLN A 151 -0.10 24.84 19.29
N GLY A 152 -0.22 24.96 20.61
CA GLY A 152 -1.48 24.70 21.29
C GLY A 152 -1.50 23.37 22.00
N ALA A 153 -1.14 22.31 21.28
CA ALA A 153 -1.12 20.97 21.83
C ALA A 153 -0.01 20.22 21.14
N ALA A 154 0.67 19.33 21.86
CA ALA A 154 1.66 18.42 21.23
C ALA A 154 1.90 17.18 22.08
N SER A 155 2.24 16.07 21.44
CA SER A 155 2.82 14.91 22.11
C SER A 155 4.28 15.21 22.60
N PRO A 156 4.75 14.54 23.68
CA PRO A 156 6.16 14.73 24.09
C PRO A 156 7.17 14.00 23.19
N THR A 157 6.70 13.19 22.26
CA THR A 157 7.60 12.37 21.43
C THR A 157 8.68 13.13 20.66
N ASP A 158 8.31 14.10 19.85
CA ASP A 158 9.33 14.76 18.98
C ASP A 158 10.49 15.35 19.81
N THR A 159 10.17 16.07 20.87
CA THR A 159 11.17 16.70 21.71
C THR A 159 11.92 15.66 22.51
N TYR A 160 11.23 14.56 22.89
CA TYR A 160 11.95 13.49 23.61
C TYR A 160 13.04 12.91 22.71
N VAL A 161 12.69 12.56 21.48
CA VAL A 161 13.59 11.87 20.54
C VAL A 161 14.75 12.81 20.10
N SER A 162 14.46 14.05 19.84
CA SER A 162 15.50 15.03 19.55
C SER A 162 16.45 15.23 20.78
N THR A 163 15.91 15.29 22.01
CA THR A 163 16.80 15.38 23.20
C THR A 163 17.74 14.18 23.31
N PHE A 164 17.19 12.95 23.21
CA PHE A 164 17.95 11.68 23.51
C PHE A 164 18.66 11.03 22.33
N GLY A 165 18.10 11.19 21.13
CA GLY A 165 18.75 10.67 19.93
C GLY A 165 18.67 9.16 19.85
N GLY A 166 19.57 8.58 19.06
CA GLY A 166 19.54 7.17 18.68
C GLY A 166 18.19 6.67 18.18
N VAL A 167 17.98 5.37 18.38
CA VAL A 167 16.76 4.67 18.13
C VAL A 167 15.98 4.57 19.44
N VAL A 168 14.73 5.01 19.41
CA VAL A 168 13.92 5.01 20.63
C VAL A 168 12.51 4.42 20.33
N THR A 169 12.03 3.54 21.21
CA THR A 169 10.71 3.02 21.08
C THR A 169 9.78 4.00 21.69
N ILE A 170 8.59 4.07 21.15
CA ILE A 170 7.61 5.01 21.66
C ILE A 170 6.39 4.15 21.96
N PRO A 171 5.70 4.36 23.11
CA PRO A 171 5.96 5.39 24.11
C PRO A 171 6.83 4.91 25.26
N GLU A 172 7.35 3.69 25.19
CA GLU A 172 8.12 3.13 26.30
C GLU A 172 9.52 3.74 26.47
N ARG A 173 10.00 4.49 25.46
CA ARG A 173 11.28 5.24 25.53
C ARG A 173 12.52 4.37 25.79
N ARG A 174 12.47 3.14 25.27
CA ARG A 174 13.55 2.20 25.39
C ARG A 174 14.53 2.46 24.27
N LYS A 175 15.80 2.69 24.64
CA LYS A 175 16.89 2.86 23.69
C LYS A 175 17.24 1.51 23.06
N LEU A 176 17.36 1.50 21.74
CA LEU A 176 17.77 0.29 21.06
C LEU A 176 19.14 0.51 20.39
N LYS A 177 19.85 -0.57 20.06
CA LYS A 177 21.18 -0.41 19.43
C LYS A 177 21.00 0.29 18.07
N THR A 178 21.84 1.28 17.80
CA THR A 178 21.74 2.05 16.59
C THR A 178 22.18 1.18 15.43
N PRO A 179 21.41 1.15 14.32
CA PRO A 179 21.87 0.28 13.20
C PRO A 179 22.97 0.89 12.29
N ASP A 180 23.79 0.05 11.70
CA ASP A 180 24.88 0.51 10.86
C ASP A 180 24.39 0.57 9.38
N CYS A 181 23.58 1.59 9.06
CA CYS A 181 22.92 1.69 7.76
C CYS A 181 22.88 3.10 7.28
N GLY A 182 22.79 3.30 5.97
CA GLY A 182 22.53 4.64 5.45
C GLY A 182 21.01 4.83 5.49
N ILE A 183 20.61 6.11 5.53
CA ILE A 183 19.23 6.52 5.44
C ILE A 183 19.14 7.55 4.27
N VAL A 184 18.28 7.26 3.31
CA VAL A 184 18.02 8.18 2.27
C VAL A 184 16.61 8.75 2.44
N ILE A 185 16.52 10.07 2.50
CA ILE A 185 15.21 10.69 2.61
C ILE A 185 14.90 11.30 1.23
N GLY A 186 13.70 11.04 0.77
CA GLY A 186 13.28 11.49 -0.53
C GLY A 186 12.05 12.36 -0.36
N ASP A 187 12.17 13.61 -0.75
CA ASP A 187 11.04 14.52 -0.64
C ASP A 187 10.27 14.67 -1.98
N THR A 188 8.95 14.42 -1.98
CA THR A 188 8.16 14.44 -3.20
C THR A 188 7.87 15.91 -3.64
N GLY A 189 8.01 16.82 -2.66
CA GLY A 189 7.78 18.23 -2.81
C GLY A 189 6.30 18.56 -2.83
N VAL A 190 5.47 17.51 -2.67
CA VAL A 190 4.01 17.64 -2.59
C VAL A 190 3.64 18.04 -1.16
N PHE A 191 2.93 19.17 -1.04
CA PHE A 191 2.53 19.68 0.27
C PHE A 191 1.24 19.00 0.69
N SER A 192 1.15 18.60 1.95
CA SER A 192 -0.08 18.06 2.54
C SER A 192 -0.06 18.52 4.00
N SER A 193 -1.19 18.49 4.72
CA SER A 193 -1.17 18.99 6.11
C SER A 193 -1.35 17.90 7.16
N THR A 194 -0.44 17.88 8.14
CA THR A 194 -0.42 16.85 9.17
C THR A 194 -1.78 16.68 9.83
N LYS A 195 -2.38 17.76 10.33
CA LYS A 195 -3.65 17.59 11.03
C LYS A 195 -4.82 17.12 10.13
N GLU A 196 -4.82 17.45 8.84
CA GLU A 196 -5.84 16.87 7.94
C GLU A 196 -5.71 15.35 7.76
N LEU A 197 -4.49 14.88 7.57
CA LEU A 197 -4.25 13.43 7.44
C LEU A 197 -4.62 12.68 8.70
N VAL A 198 -4.15 13.14 9.86
CA VAL A 198 -4.55 12.58 11.17
C VAL A 198 -6.11 12.52 11.26
N ALA A 199 -6.80 13.61 10.88
CA ALA A 199 -8.29 13.64 10.85
C ALA A 199 -8.93 12.56 9.92
N ASN A 200 -8.41 12.48 8.71
CA ASN A 200 -8.89 11.52 7.68
C ASN A 200 -8.70 10.07 8.11
N VAL A 201 -7.56 9.80 8.79
CA VAL A 201 -7.33 8.50 9.40
C VAL A 201 -8.31 8.24 10.55
N ARG A 202 -8.53 9.25 11.40
CA ARG A 202 -9.53 9.13 12.48
C ARG A 202 -10.99 8.86 12.03
N GLN A 203 -11.43 9.59 11.01
CA GLN A 203 -12.66 9.27 10.24
C GLN A 203 -12.79 7.81 9.66
N LEU A 204 -11.72 7.25 9.10
CA LEU A 204 -11.77 5.87 8.51
C LEU A 204 -11.96 4.84 9.62
N ARG A 205 -11.17 4.98 10.68
CA ARG A 205 -11.37 4.17 11.86
C ARG A 205 -12.81 4.33 12.37
N GLU A 206 -13.37 5.55 12.26
CA GLU A 206 -14.80 5.78 12.66
C GLU A 206 -15.81 5.02 11.80
N SER A 207 -15.50 4.86 10.52
CA SER A 207 -16.43 4.24 9.61
C SER A 207 -16.35 2.72 9.69
N TYR A 208 -15.17 2.17 9.97
CA TYR A 208 -15.04 0.72 10.06
C TYR A 208 -14.18 0.31 11.24
N PRO A 209 -14.68 0.57 12.49
CA PRO A 209 -13.83 0.40 13.65
C PRO A 209 -13.37 -1.06 13.75
N ASP A 210 -14.18 -2.00 13.31
CA ASP A 210 -13.85 -3.43 13.46
C ASP A 210 -12.82 -3.86 12.41
N LEU A 211 -12.57 -2.98 11.44
CA LEU A 211 -11.55 -3.28 10.40
C LEU A 211 -10.25 -2.58 10.75
N ILE A 212 -10.39 -1.28 10.97
CA ILE A 212 -9.27 -0.39 11.16
C ILE A 212 -8.53 -0.60 12.51
N GLU A 213 -9.27 -0.85 13.62
CA GLU A 213 -8.58 -1.04 14.93
C GLU A 213 -7.55 -2.20 14.89
N PRO A 214 -7.92 -3.38 14.35
CA PRO A 214 -6.91 -4.46 14.19
C PRO A 214 -5.73 -4.18 13.22
N LEU A 215 -5.92 -3.27 12.26
CA LEU A 215 -4.79 -2.83 11.41
C LEU A 215 -3.81 -1.98 12.23
N MSE A 216 -4.33 -1.08 13.07
CA MSE A 216 -3.49 -0.36 14.01
C MSE A 216 -2.69 -1.33 14.84
O MSE A 216 -1.48 -1.13 15.08
CB MSE A 216 -4.33 0.46 14.98
CG MSE A 216 -4.96 1.71 14.37
SE MSE A 216 -3.67 2.67 13.26
CE MSE A 216 -5.03 3.89 12.49
N THR A 217 -3.40 -2.37 15.29
CA THR A 217 -2.85 -3.37 16.17
C THR A 217 -1.78 -4.11 15.40
N SER A 218 -2.00 -4.36 14.13
CA SER A 218 -0.94 -4.98 13.32
C SER A 218 0.26 -4.06 13.13
N ILE A 219 0.05 -2.75 12.97
CA ILE A 219 1.25 -1.86 12.87
C ILE A 219 2.02 -1.91 14.18
N GLY A 220 1.29 -2.00 15.32
CA GLY A 220 1.97 -2.16 16.65
C GLY A 220 2.77 -3.44 16.69
N LYS A 221 2.24 -4.51 16.09
CA LYS A 221 3.03 -5.80 16.05
C LYS A 221 4.36 -5.69 15.31
N ILE A 222 4.33 -4.96 14.18
CA ILE A 222 5.54 -4.69 13.43
C ILE A 222 6.64 -4.14 14.32
N SER A 223 6.33 -3.12 15.13
CA SER A 223 7.29 -2.50 16.05
C SER A 223 7.80 -3.54 17.08
N ARG A 224 6.86 -4.33 17.61
CA ARG A 224 7.22 -5.42 18.53
C ARG A 224 8.23 -6.39 17.91
N ILE A 225 7.93 -6.96 16.75
CA ILE A 225 8.86 -7.83 16.06
C ILE A 225 10.16 -7.11 15.69
N GLY A 226 10.02 -5.86 15.27
CA GLY A 226 11.10 -5.11 14.66
C GLY A 226 12.09 -4.66 15.73
N GLU A 227 11.61 -4.40 16.95
CA GLU A 227 12.50 -4.12 18.10
C GLU A 227 13.58 -5.19 18.22
N GLN A 228 13.19 -6.45 18.10
CA GLN A 228 14.15 -7.53 18.26
C GLN A 228 15.13 -7.54 17.06
N LEU A 229 14.62 -7.25 15.85
CA LEU A 229 15.47 -7.22 14.66
C LEU A 229 16.49 -6.06 14.71
N VAL A 230 16.08 -4.92 15.25
CA VAL A 230 17.04 -3.86 15.51
C VAL A 230 18.11 -4.31 16.50
N LEU A 231 17.68 -4.93 17.61
CA LEU A 231 18.62 -5.48 18.59
C LEU A 231 19.65 -6.43 17.93
N SER A 232 19.20 -7.31 17.02
CA SER A 232 20.12 -8.29 16.41
C SER A 232 20.75 -7.82 15.09
N GLY A 233 20.48 -6.58 14.71
CA GLY A 233 21.12 -6.04 13.50
C GLY A 233 20.75 -6.69 12.15
N ASP A 234 19.63 -7.42 12.08
CA ASP A 234 19.10 -8.01 10.83
C ASP A 234 18.40 -6.91 10.00
N TYR A 235 19.20 -6.12 9.26
CA TYR A 235 18.70 -4.98 8.53
C TYR A 235 17.77 -5.42 7.42
N ALA A 236 18.15 -6.47 6.69
CA ALA A 236 17.27 -6.98 5.63
C ALA A 236 15.83 -7.22 6.05
N SER A 237 15.63 -7.83 7.22
CA SER A 237 14.26 -8.07 7.73
C SER A 237 13.58 -6.82 8.24
N ILE A 238 14.37 -5.89 8.79
CA ILE A 238 13.85 -4.54 9.19
C ILE A 238 13.25 -3.90 7.92
N GLY A 239 14.00 -3.90 6.82
CA GLY A 239 13.47 -3.37 5.54
C GLY A 239 12.20 -4.09 5.10
N ARG A 240 12.27 -5.41 5.10
CA ARG A 240 11.06 -6.17 4.73
C ARG A 240 9.89 -5.76 5.61
N LEU A 241 10.10 -5.50 6.91
CA LEU A 241 8.96 -5.12 7.72
C LEU A 241 8.56 -3.66 7.43
N MSE A 242 9.53 -2.84 7.12
CA MSE A 242 9.16 -1.47 6.74
C MSE A 242 8.28 -1.55 5.51
O MSE A 242 7.38 -0.76 5.45
CB MSE A 242 10.37 -0.61 6.43
CG MSE A 242 11.25 -0.28 7.63
SE MSE A 242 12.98 0.43 7.03
CE MSE A 242 12.40 2.24 6.40
N ASN A 243 8.60 -2.44 4.54
CA ASN A 243 7.72 -2.66 3.34
C ASN A 243 6.29 -3.02 3.66
N VAL A 244 6.12 -3.91 4.67
CA VAL A 244 4.77 -4.27 5.10
C VAL A 244 4.09 -3.06 5.75
N ASN A 245 4.81 -2.30 6.59
CA ASN A 245 4.18 -1.13 7.31
C ASN A 245 3.70 -0.13 6.20
N GLN A 246 4.52 0.01 5.15
CA GLN A 246 4.09 0.91 4.02
C GLN A 246 2.74 0.55 3.38
N GLY A 247 2.51 -0.73 3.17
CA GLY A 247 1.19 -1.17 2.64
C GLY A 247 0.09 -0.89 3.64
N LEU A 248 0.40 -1.05 4.93
CA LEU A 248 -0.61 -0.69 5.93
C LEU A 248 -0.92 0.83 5.97
N LEU A 249 0.07 1.68 5.77
CA LEU A 249 -0.19 3.10 5.61
C LEU A 249 -0.99 3.42 4.34
N ASP A 250 -0.67 2.71 3.26
CA ASP A 250 -1.47 2.77 2.05
C ASP A 250 -2.91 2.35 2.35
N ALA A 251 -3.12 1.26 3.13
CA ALA A 251 -4.50 0.90 3.54
C ALA A 251 -5.18 1.99 4.35
N LEU A 252 -4.43 2.74 5.15
CA LEU A 252 -5.00 3.84 5.97
C LEU A 252 -5.28 5.08 5.16
N GLY A 253 -4.89 5.08 3.88
CA GLY A 253 -5.22 6.21 2.98
C GLY A 253 -4.26 7.39 2.97
N VAL A 254 -3.02 7.20 3.42
CA VAL A 254 -2.02 8.29 3.51
C VAL A 254 -0.88 8.24 2.47
N ASN A 255 -1.02 7.40 1.47
CA ASN A 255 -0.04 7.31 0.42
C ASN A 255 -0.53 8.11 -0.78
N ILE A 256 0.40 8.57 -1.60
CA ILE A 256 0.08 9.11 -2.91
C ILE A 256 1.03 8.61 -3.94
N LEU A 257 0.70 8.88 -5.19
CA LEU A 257 1.44 8.36 -6.31
C LEU A 257 2.89 8.77 -6.25
N GLU A 258 3.20 10.05 -5.99
CA GLU A 258 4.59 10.50 -5.91
C GLU A 258 5.42 9.73 -4.88
N LEU A 259 4.81 9.48 -3.72
CA LEU A 259 5.45 8.65 -2.69
C LEU A 259 5.73 7.24 -3.21
N SER A 260 4.75 6.58 -3.82
CA SER A 260 4.99 5.25 -4.44
C SER A 260 6.11 5.24 -5.44
N GLN A 261 6.18 6.26 -6.31
CA GLN A 261 7.24 6.36 -7.31
C GLN A 261 8.57 6.35 -6.64
N LEU A 262 8.72 7.16 -5.60
CA LEU A 262 10.01 7.24 -4.91
C LEU A 262 10.30 5.94 -4.20
N ILE A 263 9.28 5.41 -3.55
CA ILE A 263 9.46 4.13 -2.77
C ILE A 263 9.86 2.95 -3.64
N TYR A 264 9.13 2.70 -4.73
CA TYR A 264 9.61 1.66 -5.70
C TYR A 264 10.99 1.88 -6.29
N SER A 265 11.30 3.10 -6.60
CA SER A 265 12.67 3.32 -7.11
C SER A 265 13.76 2.93 -6.11
N ALA A 266 13.51 3.26 -4.83
CA ALA A 266 14.48 3.01 -3.79
C ALA A 266 14.63 1.52 -3.62
N ARG A 267 13.50 0.81 -3.62
CA ARG A 267 13.54 -0.69 -3.49
C ARG A 267 14.22 -1.35 -4.69
N ALA A 268 13.97 -0.85 -5.90
CA ALA A 268 14.68 -1.41 -7.09
C ALA A 268 16.19 -1.20 -7.07
N ALA A 269 16.60 -0.06 -6.54
CA ALA A 269 18.02 0.20 -6.39
C ALA A 269 18.68 -0.53 -5.20
N GLY A 270 17.97 -1.39 -4.49
CA GLY A 270 18.65 -2.22 -3.50
C GLY A 270 18.44 -1.82 -2.04
N ALA A 271 17.63 -0.79 -1.77
CA ALA A 271 17.33 -0.48 -0.35
C ALA A 271 16.85 -1.72 0.40
N PHE A 272 17.21 -1.84 1.67
CA PHE A 272 16.53 -2.87 2.48
C PHE A 272 14.99 -2.67 2.52
N GLY A 273 14.55 -1.42 2.59
CA GLY A 273 13.09 -1.20 2.58
C GLY A 273 12.89 0.28 2.44
N ALA A 274 11.63 0.70 2.26
CA ALA A 274 11.34 2.09 2.01
C ALA A 274 9.89 2.32 2.33
N LYS A 275 9.59 3.46 2.84
CA LYS A 275 8.23 3.73 3.29
C LYS A 275 8.03 5.22 3.52
N ILE A 276 6.77 5.64 3.68
CA ILE A 276 6.46 6.98 4.16
C ILE A 276 7.11 7.22 5.55
N THR A 277 7.63 8.43 5.81
CA THR A 277 8.04 8.71 7.18
C THR A 277 7.23 9.89 7.60
N GLY A 278 6.51 9.71 8.70
CA GLY A 278 5.63 10.76 9.22
C GLY A 278 4.23 10.72 8.62
N ALA A 279 3.62 11.90 8.44
CA ALA A 279 2.16 11.96 8.14
C ALA A 279 1.70 11.42 6.79
N GLY A 280 2.53 11.51 5.75
CA GLY A 280 2.16 11.12 4.40
C GLY A 280 1.32 12.16 3.68
N GLY A 281 0.58 11.71 2.70
CA GLY A 281 -0.24 12.58 1.83
C GLY A 281 0.60 13.51 1.00
N GLY A 282 1.87 13.16 0.82
CA GLY A 282 2.89 14.04 0.27
C GLY A 282 4.12 14.02 1.19
N GLY A 283 4.93 15.08 1.20
CA GLY A 283 6.04 15.11 2.15
C GLY A 283 7.06 14.05 1.72
N CYS A 284 7.70 13.40 2.68
CA CYS A 284 8.85 12.55 2.44
C CYS A 284 8.65 11.08 2.65
N MSE A 285 9.51 10.29 2.01
CA MSE A 285 9.62 8.89 2.32
C MSE A 285 11.02 8.67 2.82
O MSE A 285 11.87 9.59 2.75
CB MSE A 285 9.33 8.02 1.09
CG MSE A 285 10.00 8.51 -0.21
SE MSE A 285 11.91 8.12 -0.36
CE MSE A 285 11.95 6.15 -0.21
N VAL A 286 11.30 7.47 3.31
CA VAL A 286 12.60 7.15 3.81
C VAL A 286 13.00 5.77 3.32
N ALA A 287 14.28 5.61 3.01
CA ALA A 287 14.79 4.31 2.69
C ALA A 287 16.02 3.99 3.55
N LEU A 288 16.03 2.75 4.03
CA LEU A 288 17.12 2.19 4.83
C LEU A 288 17.95 1.31 3.94
N THR A 289 19.27 1.52 3.92
CA THR A 289 20.12 0.93 2.88
C THR A 289 21.42 0.47 3.51
N ALA A 290 22.14 -0.46 2.88
CA ALA A 290 23.52 -0.69 3.33
C ALA A 290 24.36 0.58 3.05
N PRO A 291 25.34 0.89 3.96
CA PRO A 291 26.20 2.06 3.71
C PRO A 291 26.75 2.08 2.25
N GLU A 292 27.22 0.94 1.74
CA GLU A 292 27.63 0.81 0.31
C GLU A 292 26.59 1.44 -0.62
N LYS A 293 25.36 0.91 -0.58
CA LYS A 293 24.32 1.23 -1.57
C LYS A 293 23.62 2.58 -1.40
N CYS A 294 24.15 3.43 -0.55
CA CYS A 294 23.52 4.71 -0.28
C CYS A 294 23.42 5.61 -1.49
N ASN A 295 24.53 5.77 -2.21
CA ASN A 295 24.57 6.61 -3.39
C ASN A 295 23.74 6.04 -4.52
N GLN A 296 23.84 4.74 -4.74
CA GLN A 296 22.96 4.01 -5.65
C GLN A 296 21.49 4.37 -5.42
N VAL A 297 21.04 4.24 -4.17
CA VAL A 297 19.62 4.46 -3.83
C VAL A 297 19.24 5.91 -4.00
N ALA A 298 20.08 6.82 -3.51
CA ALA A 298 19.78 8.26 -3.64
C ALA A 298 19.68 8.71 -5.12
N GLU A 299 20.52 8.14 -5.98
CA GLU A 299 20.54 8.54 -7.39
C GLU A 299 19.27 8.08 -8.05
N ALA A 300 18.81 6.89 -7.63
CA ALA A 300 17.61 6.34 -8.20
C ALA A 300 16.38 7.09 -7.68
N VAL A 301 16.30 7.47 -6.39
CA VAL A 301 15.14 8.30 -5.94
C VAL A 301 15.17 9.67 -6.60
N ALA A 302 16.38 10.20 -6.76
CA ALA A 302 16.61 11.45 -7.50
C ALA A 302 16.11 11.25 -8.92
N GLY A 303 16.58 10.16 -9.55
CA GLY A 303 16.18 9.77 -10.93
C GLY A 303 14.69 9.70 -11.13
N ALA A 304 13.98 9.24 -10.11
CA ALA A 304 12.52 9.15 -10.14
C ALA A 304 11.77 10.43 -9.70
N GLY A 305 12.46 11.53 -9.47
CA GLY A 305 11.70 12.77 -9.20
C GLY A 305 11.84 13.41 -7.82
N GLY A 306 12.55 12.78 -6.91
CA GLY A 306 12.59 13.36 -5.58
C GLY A 306 13.78 14.25 -5.29
N LYS A 307 13.60 15.15 -4.31
CA LYS A 307 14.69 15.90 -3.65
C LYS A 307 15.25 15.00 -2.53
N VAL A 308 16.47 14.54 -2.75
CA VAL A 308 17.05 13.55 -1.89
C VAL A 308 18.04 14.11 -0.85
N THR A 309 18.01 13.54 0.35
CA THR A 309 18.99 13.90 1.41
C THR A 309 19.56 12.59 1.90
N ILE A 310 20.87 12.44 1.77
CA ILE A 310 21.58 11.27 2.28
C ILE A 310 22.05 11.55 3.71
N THR A 311 21.58 10.74 4.65
CA THR A 311 22.00 10.83 6.00
C THR A 311 22.26 9.44 6.56
N LYS A 312 22.35 9.34 7.88
CA LYS A 312 22.50 8.10 8.63
C LYS A 312 21.98 8.33 10.08
N PRO A 313 21.85 7.25 10.90
CA PRO A 313 21.36 7.49 12.28
C PRO A 313 22.35 8.32 13.06
N THR A 314 21.88 9.06 14.06
CA THR A 314 22.79 9.75 15.02
C THR A 314 22.67 9.09 16.42
N GLU A 315 23.80 8.77 17.07
CA GLU A 315 23.79 8.05 18.35
C GLU A 315 23.25 8.84 19.52
N GLN A 316 23.61 10.11 19.63
CA GLN A 316 22.98 10.92 20.69
C GLN A 316 22.09 12.01 20.12
N GLY A 317 21.37 12.68 21.00
CA GLY A 317 20.46 13.73 20.57
C GLY A 317 21.12 15.10 20.74
N LEU A 318 20.62 15.87 21.69
CA LEU A 318 21.30 17.08 22.09
C LEU A 318 22.74 16.81 22.56
N LYS A 319 23.64 17.63 22.03
CA LYS A 319 25.04 17.66 22.35
C LYS A 319 25.45 19.14 22.53
N VAL A 320 26.41 19.39 23.41
CA VAL A 320 27.19 20.64 23.40
C VAL A 320 28.25 20.44 22.35
N ASP A 321 28.29 21.27 21.31
CA ASP A 321 29.29 20.98 20.25
C ASP A 321 30.75 21.30 20.66
N LEU B 14 -40.57 -32.51 -25.52
CA LEU B 14 -40.07 -31.20 -26.03
C LEU B 14 -39.58 -31.19 -27.48
N VAL B 15 -39.61 -29.99 -28.05
CA VAL B 15 -39.25 -29.76 -29.43
C VAL B 15 -37.83 -30.22 -29.75
N PRO B 16 -37.69 -31.20 -30.71
CA PRO B 16 -36.36 -31.60 -31.14
C PRO B 16 -35.55 -30.40 -31.61
N ARG B 17 -34.26 -30.42 -31.31
CA ARG B 17 -33.31 -29.38 -31.62
C ARG B 17 -31.97 -30.02 -31.94
N GLY B 18 -32.05 -31.27 -32.38
CA GLY B 18 -30.89 -32.14 -32.53
C GLY B 18 -29.92 -31.67 -33.58
N SER B 19 -30.42 -30.91 -34.56
CA SER B 19 -29.59 -30.39 -35.65
C SER B 19 -29.39 -28.83 -35.55
N HIS B 20 -29.88 -28.28 -34.45
CA HIS B 20 -29.90 -26.82 -34.25
C HIS B 20 -28.49 -26.41 -33.92
N MSE B 21 -27.87 -25.55 -34.73
CA MSE B 21 -26.63 -24.84 -34.32
C MSE B 21 -26.86 -24.06 -33.01
O MSE B 21 -27.88 -23.30 -32.84
CB MSE B 21 -26.15 -23.92 -35.45
CG MSE B 21 -24.79 -23.30 -35.31
SE MSE B 21 -24.39 -22.26 -36.94
CE MSE B 21 -25.79 -20.95 -36.61
N VAL B 22 -25.92 -24.23 -32.08
CA VAL B 22 -26.12 -23.74 -30.74
C VAL B 22 -24.87 -22.95 -30.32
N SER B 23 -25.10 -21.80 -29.75
CA SER B 23 -24.02 -20.97 -29.26
C SER B 23 -24.20 -20.76 -27.75
N CYS B 24 -23.16 -21.02 -26.95
CA CYS B 24 -23.19 -20.66 -25.53
C CYS B 24 -22.14 -19.64 -25.16
N SER B 25 -22.43 -18.81 -24.15
CA SER B 25 -21.37 -17.91 -23.64
C SER B 25 -21.19 -18.00 -22.12
N ALA B 26 -19.99 -17.70 -21.65
CA ALA B 26 -19.68 -17.71 -20.23
C ALA B 26 -18.74 -16.50 -19.94
N PRO B 27 -19.02 -15.74 -18.83
CA PRO B 27 -18.19 -14.56 -18.45
C PRO B 27 -16.92 -14.77 -17.68
N GLY B 28 -16.09 -13.76 -17.74
CA GLY B 28 -14.95 -13.67 -16.87
C GLY B 28 -15.41 -13.01 -15.59
N LYS B 29 -14.46 -12.63 -14.71
CA LYS B 29 -14.87 -12.08 -13.39
C LYS B 29 -13.78 -11.25 -12.79
N ILE B 30 -14.15 -10.35 -11.89
CA ILE B 30 -13.18 -9.62 -11.06
C ILE B 30 -13.48 -9.96 -9.60
N TYR B 31 -12.58 -9.57 -8.69
CA TYR B 31 -12.81 -9.73 -7.27
C TYR B 31 -13.09 -8.35 -6.73
N LEU B 32 -14.22 -8.17 -6.04
CA LEU B 32 -14.48 -6.92 -5.35
C LEU B 32 -13.55 -6.83 -4.14
N PHE B 33 -13.48 -7.93 -3.39
CA PHE B 33 -12.56 -8.12 -2.25
C PHE B 33 -12.08 -9.55 -2.16
N GLY B 34 -10.92 -9.69 -1.56
CA GLY B 34 -10.63 -10.96 -0.92
C GLY B 34 -9.90 -11.96 -1.79
N GLU B 35 -9.44 -11.54 -2.97
CA GLU B 35 -8.47 -12.40 -3.63
C GLU B 35 -7.25 -12.56 -2.69
N HIS B 36 -6.54 -13.62 -2.91
CA HIS B 36 -5.41 -14.02 -2.08
C HIS B 36 -5.80 -14.60 -0.71
N ALA B 37 -7.02 -14.31 -0.24
CA ALA B 37 -7.38 -14.72 1.12
C ALA B 37 -8.09 -16.05 1.24
N VAL B 38 -8.73 -16.47 0.16
CA VAL B 38 -9.53 -17.67 0.19
C VAL B 38 -8.78 -18.93 0.60
N VAL B 39 -7.57 -19.17 0.07
CA VAL B 39 -6.77 -20.35 0.50
C VAL B 39 -6.57 -20.47 2.00
N TYR B 40 -6.58 -19.32 2.70
CA TYR B 40 -6.31 -19.23 4.14
C TYR B 40 -7.59 -19.14 4.93
N GLY B 41 -8.64 -19.71 4.36
CA GLY B 41 -9.90 -19.85 5.04
C GLY B 41 -10.90 -18.71 4.87
N GLU B 42 -10.52 -17.61 4.22
CA GLU B 42 -11.40 -16.43 4.34
C GLU B 42 -12.54 -16.31 3.34
N THR B 43 -13.39 -15.34 3.63
CA THR B 43 -14.46 -14.95 2.75
C THR B 43 -13.98 -13.89 1.72
N ALA B 44 -14.51 -13.99 0.50
CA ALA B 44 -14.21 -13.09 -0.62
C ALA B 44 -15.49 -12.80 -1.37
N ILE B 45 -15.44 -11.89 -2.33
CA ILE B 45 -16.65 -11.57 -3.07
C ILE B 45 -16.20 -11.38 -4.53
N ALA B 46 -16.73 -12.23 -5.44
CA ALA B 46 -16.42 -12.16 -6.84
C ALA B 46 -17.52 -11.44 -7.59
N CYS B 47 -17.21 -10.79 -8.70
CA CYS B 47 -18.24 -10.21 -9.53
C CYS B 47 -17.99 -10.61 -11.00
N ALA B 48 -18.89 -11.38 -11.59
CA ALA B 48 -18.75 -11.71 -13.03
C ALA B 48 -18.96 -10.44 -13.88
N VAL B 49 -18.25 -10.31 -15.00
CA VAL B 49 -18.38 -9.12 -15.85
C VAL B 49 -18.77 -9.53 -17.27
N GLU B 50 -19.10 -8.56 -18.12
CA GLU B 50 -19.59 -8.71 -19.45
C GLU B 50 -18.43 -8.74 -20.41
N LEU B 51 -17.52 -9.64 -20.19
CA LEU B 51 -16.49 -9.96 -21.14
C LEU B 51 -16.68 -11.47 -21.14
N ARG B 52 -17.11 -11.99 -22.26
CA ARG B 52 -17.42 -13.45 -22.39
C ARG B 52 -16.56 -14.19 -23.40
N THR B 53 -16.40 -15.50 -23.20
CA THR B 53 -16.03 -16.40 -24.24
C THR B 53 -17.33 -17.07 -24.77
N ARG B 54 -17.40 -17.14 -26.09
CA ARG B 54 -18.56 -17.76 -26.74
C ARG B 54 -18.10 -18.92 -27.55
N VAL B 55 -18.92 -19.98 -27.48
CA VAL B 55 -18.62 -21.24 -28.19
C VAL B 55 -19.88 -21.64 -29.01
N ARG B 56 -19.73 -21.74 -30.31
CA ARG B 56 -20.86 -22.22 -31.17
C ARG B 56 -20.53 -23.66 -31.59
N ALA B 57 -21.48 -24.58 -31.40
CA ALA B 57 -21.36 -26.00 -31.73
C ALA B 57 -22.34 -26.32 -32.85
N GLU B 58 -21.83 -27.01 -33.87
CA GLU B 58 -22.51 -27.43 -35.10
C GLU B 58 -22.32 -28.95 -35.32
N LEU B 59 -23.38 -29.66 -35.73
CA LEU B 59 -23.22 -31.07 -36.11
C LEU B 59 -22.16 -31.18 -37.17
N ASN B 60 -21.34 -32.24 -37.15
CA ASN B 60 -20.23 -32.39 -38.17
C ASN B 60 -19.83 -33.85 -38.27
N ASP B 61 -19.15 -34.25 -39.35
CA ASP B 61 -18.83 -35.67 -39.45
C ASP B 61 -17.57 -36.03 -38.68
N SER B 62 -16.82 -35.01 -38.28
CA SER B 62 -15.61 -35.22 -37.49
C SER B 62 -15.41 -34.05 -36.54
N ILE B 63 -14.32 -34.06 -35.81
CA ILE B 63 -14.10 -33.08 -34.76
C ILE B 63 -13.22 -32.00 -35.33
N THR B 64 -13.73 -30.77 -35.27
CA THR B 64 -13.02 -29.61 -35.75
C THR B 64 -13.22 -28.54 -34.71
N ILE B 65 -12.13 -27.86 -34.40
CA ILE B 65 -12.17 -26.80 -33.41
C ILE B 65 -11.45 -25.60 -34.00
N GLN B 66 -12.13 -24.46 -34.06
CA GLN B 66 -11.55 -23.27 -34.70
C GLN B 66 -11.52 -22.14 -33.68
N SER B 67 -10.41 -21.44 -33.56
CA SER B 67 -10.40 -20.25 -32.69
C SER B 67 -9.33 -19.33 -33.26
N GLN B 68 -9.07 -18.25 -32.58
CA GLN B 68 -8.10 -17.30 -33.10
C GLN B 68 -6.73 -17.95 -33.29
N ILE B 69 -6.48 -19.08 -32.63
CA ILE B 69 -5.21 -19.78 -32.75
C ILE B 69 -5.10 -20.67 -33.99
N GLY B 70 -6.24 -21.05 -34.61
CA GLY B 70 -6.20 -21.86 -35.84
C GLY B 70 -7.37 -22.85 -35.87
N ARG B 71 -7.41 -23.68 -36.89
CA ARG B 71 -8.39 -24.74 -37.03
C ARG B 71 -7.66 -26.05 -36.74
N THR B 72 -8.16 -26.86 -35.82
CA THR B 72 -7.57 -28.19 -35.53
C THR B 72 -8.58 -29.29 -35.52
N GLY B 73 -8.11 -30.52 -35.40
CA GLY B 73 -8.96 -31.61 -34.96
C GLY B 73 -8.88 -31.65 -33.46
N LEU B 74 -9.08 -32.84 -32.92
CA LEU B 74 -8.86 -33.04 -31.49
C LEU B 74 -7.37 -32.86 -31.20
N ASP B 75 -7.02 -31.70 -30.65
CA ASP B 75 -5.65 -31.31 -30.48
C ASP B 75 -5.45 -30.76 -29.07
N PHE B 76 -4.90 -31.62 -28.21
CA PHE B 76 -4.70 -31.29 -26.82
C PHE B 76 -3.62 -30.25 -26.58
N GLU B 77 -2.83 -29.93 -27.62
CA GLU B 77 -1.73 -28.96 -27.49
C GLU B 77 -2.17 -27.53 -27.80
N LYS B 78 -2.86 -27.34 -28.94
CA LYS B 78 -3.34 -25.99 -29.31
C LYS B 78 -4.70 -25.70 -28.71
N HIS B 79 -5.54 -26.74 -28.57
CA HIS B 79 -6.89 -26.60 -27.94
C HIS B 79 -7.12 -27.39 -26.67
N PRO B 80 -6.32 -27.14 -25.59
CA PRO B 80 -6.35 -28.04 -24.45
C PRO B 80 -7.68 -28.16 -23.70
N TYR B 81 -8.39 -27.05 -23.54
CA TYR B 81 -9.61 -27.10 -22.76
C TYR B 81 -10.79 -27.70 -23.56
N VAL B 82 -11.04 -27.18 -24.74
CA VAL B 82 -12.09 -27.73 -25.57
C VAL B 82 -11.84 -29.21 -25.80
N SER B 83 -10.59 -29.54 -26.07
CA SER B 83 -10.25 -30.97 -26.36
C SER B 83 -10.52 -31.87 -25.15
N ALA B 84 -10.05 -31.45 -23.99
CA ALA B 84 -10.39 -32.14 -22.73
C ALA B 84 -11.92 -32.24 -22.44
N VAL B 85 -12.67 -31.15 -22.61
CA VAL B 85 -14.12 -31.24 -22.53
C VAL B 85 -14.66 -32.35 -23.47
N ILE B 86 -14.28 -32.33 -24.75
CA ILE B 86 -14.86 -33.34 -25.67
C ILE B 86 -14.50 -34.76 -25.17
N GLU B 87 -13.24 -34.93 -24.80
CA GLU B 87 -12.66 -36.22 -24.41
C GLU B 87 -13.45 -36.80 -23.24
N LYS B 88 -13.78 -35.94 -22.26
CA LYS B 88 -14.52 -36.34 -21.07
C LYS B 88 -16.04 -36.56 -21.29
N MSE B 89 -16.69 -35.65 -22.01
CA MSE B 89 -18.11 -35.80 -22.22
C MSE B 89 -18.49 -36.93 -23.18
O MSE B 89 -19.54 -37.54 -23.01
CB MSE B 89 -18.75 -34.50 -22.66
CG MSE B 89 -18.50 -33.35 -21.66
SE MSE B 89 -19.42 -31.77 -22.30
CE MSE B 89 -21.22 -32.05 -21.63
N ARG B 90 -17.61 -37.22 -24.14
CA ARG B 90 -17.89 -38.30 -25.12
C ARG B 90 -17.86 -39.69 -24.47
N LYS B 91 -17.30 -39.78 -23.26
CA LYS B 91 -17.30 -41.04 -22.48
C LYS B 91 -18.71 -41.39 -22.01
N SER B 92 -19.51 -40.35 -21.75
CA SER B 92 -20.93 -40.44 -21.39
C SER B 92 -21.83 -40.73 -22.59
N ILE B 93 -21.91 -39.76 -23.51
CA ILE B 93 -22.68 -39.88 -24.74
C ILE B 93 -21.74 -39.75 -25.93
N PRO B 94 -21.79 -40.72 -26.87
CA PRO B 94 -20.84 -40.50 -28.00
C PRO B 94 -21.00 -39.12 -28.73
N ILE B 95 -19.87 -38.50 -29.03
CA ILE B 95 -19.82 -37.35 -29.96
C ILE B 95 -19.07 -37.79 -31.25
N ASN B 96 -19.83 -38.19 -32.27
CA ASN B 96 -19.25 -38.64 -33.54
C ASN B 96 -18.46 -37.52 -34.19
N GLY B 97 -19.00 -36.31 -34.16
CA GLY B 97 -18.40 -35.20 -34.85
C GLY B 97 -19.00 -33.92 -34.27
N VAL B 98 -18.28 -32.83 -34.40
CA VAL B 98 -18.76 -31.49 -33.98
C VAL B 98 -17.78 -30.47 -34.55
N PHE B 99 -18.31 -29.35 -35.00
CA PHE B 99 -17.54 -28.20 -35.42
C PHE B 99 -17.72 -27.15 -34.30
N LEU B 100 -16.68 -26.91 -33.50
CA LEU B 100 -16.74 -25.86 -32.49
C LEU B 100 -16.00 -24.56 -32.91
N THR B 101 -16.67 -23.41 -32.86
CA THR B 101 -16.00 -22.11 -33.10
C THR B 101 -15.94 -21.33 -31.80
N VAL B 102 -14.72 -20.95 -31.42
CA VAL B 102 -14.51 -20.22 -30.12
C VAL B 102 -14.08 -18.75 -30.38
N ASP B 103 -14.71 -17.77 -29.74
CA ASP B 103 -14.21 -16.39 -29.76
C ASP B 103 -14.26 -15.84 -28.34
N SER B 104 -13.32 -14.97 -27.93
CA SER B 104 -13.37 -14.48 -26.55
C SER B 104 -13.11 -12.98 -26.49
N ASP B 105 -13.80 -12.29 -25.58
CA ASP B 105 -13.49 -10.90 -25.34
C ASP B 105 -12.77 -10.78 -23.95
N ILE B 106 -12.32 -11.89 -23.40
CA ILE B 106 -11.63 -11.83 -22.11
C ILE B 106 -10.13 -11.76 -22.38
N PRO B 107 -9.47 -10.70 -21.88
CA PRO B 107 -8.10 -10.38 -22.29
C PRO B 107 -7.08 -11.48 -22.07
N VAL B 108 -6.27 -11.72 -23.13
CA VAL B 108 -5.34 -12.88 -23.16
C VAL B 108 -4.49 -12.93 -21.91
N GLY B 109 -4.76 -13.91 -21.05
CA GLY B 109 -4.16 -14.02 -19.70
C GLY B 109 -4.67 -12.95 -18.71
N SER B 110 -4.99 -13.40 -17.48
CA SER B 110 -5.28 -12.48 -16.32
C SER B 110 -6.45 -12.87 -15.47
N GLY B 111 -6.31 -12.94 -14.11
CA GLY B 111 -7.29 -13.59 -13.16
C GLY B 111 -8.78 -13.47 -13.51
N LEU B 112 -8.99 -13.12 -14.78
CA LEU B 112 -10.31 -12.68 -15.23
C LEU B 112 -11.08 -13.90 -15.61
N GLY B 113 -10.38 -15.02 -15.81
CA GLY B 113 -11.05 -16.31 -15.95
C GLY B 113 -11.19 -16.84 -17.37
N SER B 114 -10.21 -16.54 -18.20
CA SER B 114 -10.23 -16.96 -19.60
C SER B 114 -10.38 -18.52 -19.81
N SER B 115 -9.63 -19.31 -19.08
CA SER B 115 -9.68 -20.77 -19.31
C SER B 115 -10.98 -21.33 -18.67
N ALA B 116 -11.50 -20.68 -17.61
CA ALA B 116 -12.76 -21.15 -16.99
C ALA B 116 -13.94 -20.84 -17.94
N ALA B 117 -13.90 -19.65 -18.56
CA ALA B 117 -14.97 -19.28 -19.51
C ALA B 117 -15.05 -20.18 -20.76
N VAL B 118 -13.92 -20.52 -21.38
CA VAL B 118 -13.99 -21.40 -22.53
C VAL B 118 -14.43 -22.80 -22.12
N THR B 119 -13.97 -23.22 -20.95
CA THR B 119 -14.34 -24.52 -20.41
C THR B 119 -15.87 -24.58 -20.23
N ILE B 120 -16.44 -23.63 -19.50
CA ILE B 120 -17.87 -23.60 -19.23
C ILE B 120 -18.72 -23.39 -20.52
N ALA B 121 -18.28 -22.49 -21.42
CA ALA B 121 -19.03 -22.25 -22.67
C ALA B 121 -19.05 -23.51 -23.51
N SER B 122 -17.93 -24.22 -23.57
CA SER B 122 -17.87 -25.42 -24.39
C SER B 122 -18.81 -26.50 -23.82
N ILE B 123 -18.85 -26.60 -22.48
CA ILE B 123 -19.65 -27.65 -21.82
C ILE B 123 -21.06 -27.32 -22.13
N GLY B 124 -21.42 -26.04 -21.93
CA GLY B 124 -22.75 -25.52 -22.24
C GLY B 124 -23.15 -25.91 -23.65
N ALA B 125 -22.29 -25.66 -24.64
CA ALA B 125 -22.69 -25.78 -26.01
C ALA B 125 -22.90 -27.26 -26.38
N LEU B 126 -22.01 -28.11 -25.90
CA LEU B 126 -22.14 -29.54 -26.20
C LEU B 126 -23.32 -30.13 -25.42
N ASN B 127 -23.53 -29.66 -24.20
CA ASN B 127 -24.70 -30.03 -23.36
C ASN B 127 -25.99 -29.85 -24.14
N GLU B 128 -26.15 -28.68 -24.72
CA GLU B 128 -27.27 -28.34 -25.59
C GLU B 128 -27.32 -29.14 -26.89
N LEU B 129 -26.25 -29.11 -27.68
CA LEU B 129 -26.26 -29.78 -28.96
C LEU B 129 -26.52 -31.32 -28.85
N PHE B 130 -25.92 -31.97 -27.87
CA PHE B 130 -26.00 -33.44 -27.78
C PHE B 130 -26.91 -33.96 -26.70
N GLY B 131 -27.67 -33.05 -26.10
CA GLY B 131 -28.61 -33.33 -24.99
C GLY B 131 -28.11 -34.10 -23.76
N PHE B 132 -27.07 -33.60 -23.08
CA PHE B 132 -26.59 -34.21 -21.83
C PHE B 132 -27.54 -33.93 -20.66
N GLY B 133 -28.41 -32.93 -20.83
CA GLY B 133 -29.36 -32.49 -19.77
C GLY B 133 -28.70 -32.09 -18.45
N LEU B 134 -27.47 -31.55 -18.52
CA LEU B 134 -26.76 -31.17 -17.27
C LEU B 134 -27.37 -29.93 -16.63
N SER B 135 -27.51 -29.89 -15.30
CA SER B 135 -27.92 -28.65 -14.62
C SER B 135 -26.69 -27.74 -14.52
N LEU B 136 -26.90 -26.50 -14.12
CA LEU B 136 -25.77 -25.57 -13.87
C LEU B 136 -24.77 -26.09 -12.83
N GLN B 137 -25.29 -26.72 -11.75
CA GLN B 137 -24.35 -27.25 -10.74
C GLN B 137 -23.44 -28.37 -11.31
N GLU B 138 -24.02 -29.25 -12.11
CA GLU B 138 -23.26 -30.32 -12.77
C GLU B 138 -22.24 -29.73 -13.75
N ILE B 139 -22.62 -28.67 -14.45
CA ILE B 139 -21.70 -27.97 -15.37
C ILE B 139 -20.50 -27.38 -14.63
N ALA B 140 -20.78 -26.74 -13.50
CA ALA B 140 -19.73 -26.09 -12.71
C ALA B 140 -18.76 -27.12 -12.18
N LYS B 141 -19.29 -28.28 -11.78
CA LYS B 141 -18.46 -29.30 -11.19
C LYS B 141 -17.63 -29.95 -12.28
N LEU B 142 -18.26 -30.27 -13.41
CA LEU B 142 -17.56 -30.76 -14.59
C LEU B 142 -16.41 -29.81 -15.02
N GLY B 143 -16.70 -28.50 -15.13
CA GLY B 143 -15.66 -27.52 -15.49
C GLY B 143 -14.45 -27.55 -14.56
N HIS B 144 -14.76 -27.54 -13.28
CA HIS B 144 -13.73 -27.69 -12.24
C HIS B 144 -12.88 -28.93 -12.50
N GLU B 145 -13.55 -30.05 -12.74
CA GLU B 145 -12.84 -31.24 -13.15
C GLU B 145 -11.99 -31.07 -14.41
N ILE B 146 -12.46 -30.29 -15.40
CA ILE B 146 -11.62 -30.14 -16.60
C ILE B 146 -10.35 -29.32 -16.31
N GLU B 147 -10.47 -28.29 -15.48
CA GLU B 147 -9.30 -27.48 -15.12
C GLU B 147 -8.25 -28.30 -14.35
N ILE B 148 -8.72 -29.16 -13.45
CA ILE B 148 -7.80 -30.12 -12.78
C ILE B 148 -7.03 -31.02 -13.77
N LYS B 149 -7.76 -31.65 -14.67
CA LYS B 149 -7.15 -32.39 -15.74
C LYS B 149 -6.14 -31.57 -16.56
N VAL B 150 -6.46 -30.32 -16.90
CA VAL B 150 -5.55 -29.58 -17.77
C VAL B 150 -4.38 -28.96 -17.01
N GLN B 151 -4.65 -28.40 -15.83
CA GLN B 151 -3.62 -27.66 -15.08
C GLN B 151 -2.85 -28.54 -14.05
N GLY B 152 -3.42 -29.68 -13.68
CA GLY B 152 -2.84 -30.51 -12.63
C GLY B 152 -3.58 -30.32 -11.32
N ALA B 153 -3.96 -29.08 -11.00
CA ALA B 153 -4.62 -28.78 -9.75
C ALA B 153 -5.37 -27.48 -9.94
N ALA B 154 -6.58 -27.36 -9.41
CA ALA B 154 -7.31 -26.11 -9.56
C ALA B 154 -8.40 -25.92 -8.54
N SER B 155 -8.65 -24.65 -8.25
CA SER B 155 -9.69 -24.25 -7.35
C SER B 155 -10.97 -24.25 -8.17
N PRO B 156 -12.07 -24.71 -7.57
CA PRO B 156 -13.40 -24.71 -8.24
C PRO B 156 -14.00 -23.31 -8.43
N THR B 157 -13.37 -22.26 -7.88
CA THR B 157 -14.06 -20.94 -7.75
C THR B 157 -14.34 -20.32 -9.16
N ASP B 158 -13.32 -20.35 -10.02
CA ASP B 158 -13.35 -19.75 -11.36
C ASP B 158 -14.48 -20.38 -12.18
N THR B 159 -14.52 -21.71 -12.26
CA THR B 159 -15.64 -22.37 -13.03
C THR B 159 -16.99 -22.15 -12.40
N TYR B 160 -17.04 -22.00 -11.06
CA TYR B 160 -18.35 -21.75 -10.43
C TYR B 160 -18.91 -20.33 -10.77
N VAL B 161 -18.07 -19.30 -10.61
CA VAL B 161 -18.44 -17.92 -10.87
C VAL B 161 -18.81 -17.80 -12.36
N SER B 162 -18.01 -18.38 -13.24
CA SER B 162 -18.35 -18.31 -14.67
C SER B 162 -19.69 -18.98 -14.95
N THR B 163 -19.96 -20.15 -14.35
CA THR B 163 -21.26 -20.83 -14.52
C THR B 163 -22.40 -19.93 -14.11
N PHE B 164 -22.37 -19.39 -12.89
CA PHE B 164 -23.59 -18.81 -12.31
C PHE B 164 -23.64 -17.34 -12.46
N GLY B 165 -22.46 -16.70 -12.68
CA GLY B 165 -22.51 -15.22 -12.96
C GLY B 165 -22.86 -14.37 -11.75
N GLY B 166 -23.22 -13.13 -12.01
CA GLY B 166 -23.49 -12.17 -10.99
C GLY B 166 -22.41 -11.96 -9.91
N VAL B 167 -22.88 -11.57 -8.73
CA VAL B 167 -22.01 -11.40 -7.56
C VAL B 167 -22.16 -12.62 -6.67
N VAL B 168 -21.04 -13.23 -6.33
CA VAL B 168 -21.02 -14.48 -5.60
C VAL B 168 -20.05 -14.30 -4.40
N THR B 169 -20.53 -14.62 -3.20
CA THR B 169 -19.64 -14.69 -2.04
C THR B 169 -18.92 -16.02 -2.13
N ILE B 170 -17.69 -16.07 -1.64
CA ILE B 170 -16.83 -17.24 -1.71
C ILE B 170 -16.38 -17.52 -0.22
N PRO B 171 -16.44 -18.81 0.24
CA PRO B 171 -16.92 -19.94 -0.51
C PRO B 171 -18.35 -20.37 -0.25
N GLU B 172 -19.14 -19.60 0.50
CA GLU B 172 -20.55 -20.02 0.71
C GLU B 172 -21.38 -20.00 -0.58
N ARG B 173 -20.97 -19.17 -1.56
CA ARG B 173 -21.63 -19.16 -2.88
C ARG B 173 -23.01 -18.58 -2.87
N ARG B 174 -23.19 -17.57 -2.03
CA ARG B 174 -24.47 -16.88 -1.97
C ARG B 174 -24.49 -15.72 -2.98
N LYS B 175 -25.65 -15.46 -3.55
CA LYS B 175 -25.77 -14.49 -4.64
C LYS B 175 -26.16 -13.18 -4.03
N LEU B 176 -25.44 -12.14 -4.40
CA LEU B 176 -25.75 -10.84 -3.84
C LEU B 176 -26.27 -10.00 -4.94
N LYS B 177 -26.94 -8.90 -4.61
CA LYS B 177 -27.43 -8.04 -5.64
C LYS B 177 -26.33 -7.46 -6.55
N THR B 178 -26.54 -7.49 -7.86
CA THR B 178 -25.61 -6.93 -8.83
C THR B 178 -25.49 -5.42 -8.80
N PRO B 179 -24.28 -4.88 -8.54
CA PRO B 179 -24.21 -3.41 -8.54
C PRO B 179 -24.34 -2.79 -9.95
N ASP B 180 -24.97 -1.62 -10.01
CA ASP B 180 -25.12 -0.81 -11.20
C ASP B 180 -23.95 0.22 -11.27
N CYS B 181 -22.82 -0.28 -11.74
CA CYS B 181 -21.56 0.46 -11.76
C CYS B 181 -20.83 0.10 -13.06
N GLY B 182 -19.97 0.99 -13.53
CA GLY B 182 -18.96 0.63 -14.56
C GLY B 182 -17.76 0.00 -13.88
N ILE B 183 -17.09 -0.82 -14.66
CA ILE B 183 -15.90 -1.51 -14.26
C ILE B 183 -14.89 -1.16 -15.35
N VAL B 184 -13.75 -0.57 -14.95
CA VAL B 184 -12.62 -0.37 -15.87
C VAL B 184 -11.51 -1.31 -15.45
N ILE B 185 -11.05 -2.11 -16.41
CA ILE B 185 -9.94 -2.97 -16.22
C ILE B 185 -8.74 -2.31 -16.92
N GLY B 186 -7.67 -2.04 -16.17
CA GLY B 186 -6.41 -1.58 -16.75
C GLY B 186 -5.26 -2.59 -16.67
N ASP B 187 -4.70 -2.95 -17.83
CA ASP B 187 -3.64 -3.98 -17.86
C ASP B 187 -2.31 -3.21 -17.89
N THR B 188 -1.40 -3.53 -16.99
CA THR B 188 -0.11 -2.87 -16.91
C THR B 188 0.77 -3.30 -18.07
N GLY B 189 0.38 -4.42 -18.67
CA GLY B 189 1.19 -5.15 -19.63
C GLY B 189 2.40 -5.88 -19.02
N VAL B 190 2.49 -5.98 -17.67
CA VAL B 190 3.65 -6.64 -17.01
C VAL B 190 3.28 -8.11 -16.70
N PHE B 191 4.13 -9.07 -17.11
CA PHE B 191 3.82 -10.49 -16.85
C PHE B 191 4.12 -10.82 -15.40
N SER B 192 3.26 -11.60 -14.78
CA SER B 192 3.64 -12.27 -13.51
C SER B 192 3.11 -13.71 -13.30
N SER B 193 3.92 -14.53 -12.63
CA SER B 193 3.55 -15.91 -12.31
C SER B 193 2.59 -15.98 -11.10
N THR B 194 1.36 -16.46 -11.33
CA THR B 194 0.38 -16.68 -10.27
C THR B 194 0.96 -17.61 -9.18
N LYS B 195 1.71 -18.65 -9.59
CA LYS B 195 2.39 -19.56 -8.62
C LYS B 195 3.49 -18.88 -7.77
N GLU B 196 4.33 -18.05 -8.40
CA GLU B 196 5.42 -17.36 -7.71
C GLU B 196 4.93 -16.35 -6.65
N LEU B 197 3.78 -15.75 -6.91
CA LEU B 197 3.19 -14.78 -6.00
C LEU B 197 2.37 -15.43 -4.88
N VAL B 198 1.70 -16.54 -5.18
CA VAL B 198 1.05 -17.32 -4.10
C VAL B 198 2.20 -17.81 -3.17
N ALA B 199 3.28 -18.31 -3.81
CA ALA B 199 4.55 -18.69 -3.16
C ALA B 199 5.19 -17.61 -2.27
N ASN B 200 5.18 -16.36 -2.71
CA ASN B 200 5.71 -15.29 -1.82
C ASN B 200 4.78 -14.79 -0.72
N VAL B 201 3.48 -14.73 -0.97
CA VAL B 201 2.52 -14.45 0.08
C VAL B 201 2.77 -15.52 1.17
N ARG B 202 2.60 -16.80 0.82
CA ARG B 202 2.86 -17.86 1.81
C ARG B 202 4.20 -17.72 2.60
N GLN B 203 5.30 -17.40 1.89
CA GLN B 203 6.63 -17.26 2.53
C GLN B 203 6.78 -16.13 3.59
N LEU B 204 6.27 -14.96 3.23
CA LEU B 204 6.24 -13.82 4.12
C LEU B 204 5.37 -14.22 5.28
N ARG B 205 4.32 -14.99 4.97
CA ARG B 205 3.46 -15.51 6.03
C ARG B 205 4.25 -16.42 7.00
N GLU B 206 5.17 -17.23 6.47
CA GLU B 206 6.00 -18.15 7.30
C GLU B 206 7.03 -17.41 8.18
N SER B 207 7.59 -16.31 7.68
CA SER B 207 8.63 -15.55 8.41
C SER B 207 8.06 -14.70 9.55
N TYR B 208 6.86 -14.16 9.37
CA TYR B 208 6.21 -13.36 10.39
C TYR B 208 4.73 -13.77 10.53
N PRO B 209 4.47 -15.02 10.98
CA PRO B 209 3.14 -15.57 11.25
C PRO B 209 2.21 -14.73 12.11
N ASP B 210 2.73 -14.15 13.19
CA ASP B 210 1.88 -13.40 14.11
C ASP B 210 1.44 -12.08 13.49
N LEU B 211 2.15 -11.67 12.43
CA LEU B 211 1.86 -10.40 11.74
C LEU B 211 0.97 -10.62 10.49
N ILE B 212 1.37 -11.57 9.66
CA ILE B 212 0.71 -11.82 8.38
C ILE B 212 -0.69 -12.50 8.50
N GLU B 213 -0.86 -13.44 9.45
CA GLU B 213 -2.17 -14.16 9.65
C GLU B 213 -3.32 -13.24 9.97
N PRO B 214 -3.09 -12.30 10.89
CA PRO B 214 -4.12 -11.31 11.17
C PRO B 214 -4.47 -10.46 9.94
N LEU B 215 -3.51 -10.21 9.04
CA LEU B 215 -3.78 -9.43 7.79
C LEU B 215 -4.76 -10.14 6.89
N MSE B 216 -4.59 -11.45 6.67
CA MSE B 216 -5.59 -12.21 5.94
C MSE B 216 -6.91 -12.13 6.65
O MSE B 216 -7.95 -12.02 6.01
CB MSE B 216 -5.19 -13.70 5.85
CG MSE B 216 -3.83 -13.95 5.32
SE MSE B 216 -3.78 -13.27 3.52
CE MSE B 216 -1.92 -13.73 3.28
N THR B 217 -6.89 -12.23 7.99
CA THR B 217 -8.10 -12.05 8.76
C THR B 217 -8.78 -10.74 8.42
N SER B 218 -8.03 -9.64 8.38
CA SER B 218 -8.59 -8.35 8.02
C SER B 218 -9.12 -8.27 6.56
N ILE B 219 -8.47 -8.93 5.62
CA ILE B 219 -9.03 -8.96 4.24
C ILE B 219 -10.40 -9.71 4.26
N GLY B 220 -10.44 -10.85 4.95
CA GLY B 220 -11.69 -11.59 5.21
C GLY B 220 -12.81 -10.70 5.77
N LYS B 221 -12.46 -9.88 6.78
CA LYS B 221 -13.37 -8.90 7.38
C LYS B 221 -13.97 -7.94 6.39
N ILE B 222 -13.13 -7.46 5.45
CA ILE B 222 -13.64 -6.57 4.37
C ILE B 222 -14.85 -7.17 3.64
N SER B 223 -14.83 -8.46 3.29
CA SER B 223 -15.96 -9.10 2.61
C SER B 223 -17.20 -9.20 3.43
N ARG B 224 -17.03 -9.44 4.73
CA ARG B 224 -18.16 -9.45 5.63
C ARG B 224 -18.76 -8.07 5.76
N ILE B 225 -17.95 -7.05 5.96
CA ILE B 225 -18.50 -5.69 5.93
C ILE B 225 -19.11 -5.31 4.56
N GLY B 226 -18.42 -5.68 3.49
CA GLY B 226 -18.76 -5.33 2.13
C GLY B 226 -20.06 -5.98 1.65
N GLU B 227 -20.33 -7.21 2.09
CA GLU B 227 -21.55 -7.94 1.70
C GLU B 227 -22.71 -6.98 1.93
N GLN B 228 -22.70 -6.38 3.11
CA GLN B 228 -23.77 -5.54 3.55
C GLN B 228 -23.89 -4.27 2.70
N LEU B 229 -22.74 -3.78 2.21
CA LEU B 229 -22.72 -2.59 1.33
C LEU B 229 -23.16 -2.94 -0.09
N VAL B 230 -22.88 -4.16 -0.51
CA VAL B 230 -23.39 -4.63 -1.85
C VAL B 230 -24.94 -4.66 -1.85
N LEU B 231 -25.51 -5.15 -0.76
CA LEU B 231 -26.99 -5.21 -0.60
C LEU B 231 -27.67 -3.84 -0.65
N SER B 232 -27.12 -2.86 0.07
CA SER B 232 -27.68 -1.54 0.08
C SER B 232 -27.23 -0.65 -1.08
N GLY B 233 -26.42 -1.18 -2.02
CA GLY B 233 -25.92 -0.36 -3.15
C GLY B 233 -25.08 0.88 -2.79
N ASP B 234 -24.37 0.85 -1.67
CA ASP B 234 -23.51 2.01 -1.32
C ASP B 234 -22.12 1.79 -2.00
N TYR B 235 -22.04 2.15 -3.25
CA TYR B 235 -20.81 1.85 -4.07
C TYR B 235 -19.60 2.67 -3.59
N ALA B 236 -19.84 3.89 -3.11
CA ALA B 236 -18.82 4.80 -2.57
C ALA B 236 -18.09 4.15 -1.39
N SER B 237 -18.83 3.47 -0.50
CA SER B 237 -18.19 2.73 0.59
C SER B 237 -17.54 1.44 0.10
N ILE B 238 -18.18 0.71 -0.82
CA ILE B 238 -17.49 -0.48 -1.45
C ILE B 238 -16.10 -0.07 -1.99
N GLY B 239 -16.07 1.04 -2.71
CA GLY B 239 -14.83 1.64 -3.24
C GLY B 239 -13.82 1.98 -2.14
N ARG B 240 -14.27 2.57 -1.03
CA ARG B 240 -13.33 2.90 0.07
C ARG B 240 -12.75 1.60 0.58
N LEU B 241 -13.58 0.59 0.72
CA LEU B 241 -13.05 -0.73 1.19
C LEU B 241 -12.11 -1.36 0.20
N MSE B 242 -12.44 -1.23 -1.07
CA MSE B 242 -11.55 -1.78 -2.10
C MSE B 242 -10.15 -1.16 -1.91
O MSE B 242 -9.13 -1.87 -2.04
CB MSE B 242 -12.07 -1.48 -3.53
CG MSE B 242 -13.31 -2.34 -3.85
SE MSE B 242 -14.04 -1.76 -5.58
CE MSE B 242 -12.63 -2.26 -6.85
N ASN B 243 -10.14 0.11 -1.62
CA ASN B 243 -8.87 0.84 -1.48
C ASN B 243 -8.12 0.35 -0.28
N VAL B 244 -8.84 0.07 0.81
CA VAL B 244 -8.17 -0.51 1.97
C VAL B 244 -7.58 -1.87 1.62
N ASN B 245 -8.35 -2.67 0.88
CA ASN B 245 -7.94 -4.04 0.53
C ASN B 245 -6.65 -3.95 -0.34
N GLN B 246 -6.60 -2.99 -1.26
CA GLN B 246 -5.40 -2.79 -2.14
C GLN B 246 -4.12 -2.51 -1.30
N GLY B 247 -4.32 -1.75 -0.25
CA GLY B 247 -3.22 -1.42 0.66
C GLY B 247 -2.82 -2.69 1.37
N LEU B 248 -3.78 -3.55 1.77
CA LEU B 248 -3.39 -4.84 2.43
C LEU B 248 -2.65 -5.74 1.44
N LEU B 249 -3.08 -5.71 0.17
CA LEU B 249 -2.34 -6.42 -0.87
C LEU B 249 -0.91 -5.88 -1.08
N ASP B 250 -0.79 -4.58 -1.09
CA ASP B 250 0.54 -3.98 -1.07
C ASP B 250 1.34 -4.51 0.16
N ALA B 251 0.74 -4.58 1.34
CA ALA B 251 1.51 -5.04 2.51
C ALA B 251 1.92 -6.51 2.32
N LEU B 252 1.11 -7.27 1.58
CA LEU B 252 1.46 -8.66 1.33
C LEU B 252 2.54 -8.85 0.27
N GLY B 253 2.90 -7.81 -0.45
CA GLY B 253 4.07 -7.91 -1.31
C GLY B 253 3.67 -8.14 -2.77
N VAL B 254 2.37 -8.02 -3.13
CA VAL B 254 1.96 -8.33 -4.54
C VAL B 254 1.69 -7.07 -5.43
N ASN B 255 2.07 -5.87 -4.98
CA ASN B 255 1.82 -4.65 -5.77
C ASN B 255 3.13 -4.30 -6.56
N ILE B 256 3.00 -3.58 -7.68
CA ILE B 256 4.19 -3.02 -8.32
C ILE B 256 3.93 -1.59 -8.69
N LEU B 257 4.99 -0.88 -9.10
CA LEU B 257 4.81 0.54 -9.45
C LEU B 257 3.74 0.74 -10.52
N GLU B 258 3.81 -0.04 -11.63
CA GLU B 258 2.84 0.15 -12.73
C GLU B 258 1.39 -0.06 -12.27
N LEU B 259 1.15 -1.02 -11.38
CA LEU B 259 -0.23 -1.18 -10.82
C LEU B 259 -0.60 0.08 -10.03
N SER B 260 0.29 0.57 -9.14
CA SER B 260 -0.05 1.86 -8.45
C SER B 260 -0.27 2.97 -9.39
N GLN B 261 0.56 3.07 -10.44
CA GLN B 261 0.33 4.11 -11.41
C GLN B 261 -1.10 4.07 -11.95
N LEU B 262 -1.57 2.90 -12.38
CA LEU B 262 -2.92 2.86 -12.95
C LEU B 262 -3.99 3.14 -11.89
N ILE B 263 -3.81 2.58 -10.71
CA ILE B 263 -4.72 2.72 -9.55
C ILE B 263 -4.86 4.17 -9.18
N TYR B 264 -3.74 4.90 -8.98
CA TYR B 264 -3.82 6.32 -8.65
C TYR B 264 -4.46 7.16 -9.77
N SER B 265 -4.25 6.81 -11.05
CA SER B 265 -4.93 7.59 -12.12
C SER B 265 -6.44 7.40 -12.04
N ALA B 266 -6.86 6.16 -11.72
CA ALA B 266 -8.28 5.86 -11.76
C ALA B 266 -8.98 6.57 -10.60
N ARG B 267 -8.32 6.58 -9.46
CA ARG B 267 -8.85 7.22 -8.28
C ARG B 267 -8.94 8.72 -8.52
N ALA B 268 -7.92 9.33 -9.12
CA ALA B 268 -7.88 10.77 -9.36
C ALA B 268 -8.97 11.16 -10.34
N ALA B 269 -9.33 10.25 -11.23
CA ALA B 269 -10.41 10.51 -12.21
C ALA B 269 -11.82 10.26 -11.70
N GLY B 270 -11.95 9.92 -10.44
CA GLY B 270 -13.23 9.76 -9.78
C GLY B 270 -13.72 8.35 -9.48
N ALA B 271 -12.89 7.30 -9.74
CA ALA B 271 -13.36 5.93 -9.41
C ALA B 271 -13.79 5.83 -7.94
N PHE B 272 -14.82 5.02 -7.63
CA PHE B 272 -15.18 4.76 -6.24
C PHE B 272 -14.00 4.11 -5.51
N GLY B 273 -13.36 3.20 -6.20
CA GLY B 273 -12.15 2.59 -5.67
C GLY B 273 -11.43 1.88 -6.80
N ALA B 274 -10.24 1.42 -6.47
CA ALA B 274 -9.43 0.74 -7.49
C ALA B 274 -8.42 -0.12 -6.80
N LYS B 275 -8.19 -1.26 -7.39
CA LYS B 275 -7.32 -2.26 -6.79
C LYS B 275 -6.79 -3.24 -7.79
N ILE B 276 -5.78 -4.01 -7.38
CA ILE B 276 -5.34 -5.15 -8.13
C ILE B 276 -6.53 -6.14 -8.28
N THR B 277 -6.63 -6.81 -9.44
CA THR B 277 -7.58 -7.92 -9.53
C THR B 277 -6.72 -9.13 -9.92
N GLY B 278 -6.88 -10.25 -9.23
CA GLY B 278 -6.05 -11.43 -9.59
C GLY B 278 -4.80 -11.49 -8.70
N ALA B 279 -3.74 -12.09 -9.20
CA ALA B 279 -2.57 -12.43 -8.39
C ALA B 279 -1.65 -11.26 -8.07
N GLY B 280 -1.57 -10.26 -8.98
CA GLY B 280 -0.74 -9.08 -8.75
C GLY B 280 0.61 -9.35 -9.41
N GLY B 281 1.62 -8.59 -8.98
CA GLY B 281 2.95 -8.69 -9.51
C GLY B 281 3.03 -8.24 -10.96
N GLY B 282 2.00 -7.56 -11.43
CA GLY B 282 1.81 -7.26 -12.86
C GLY B 282 0.36 -7.45 -13.23
N GLY B 283 0.04 -7.73 -14.52
CA GLY B 283 -1.32 -8.02 -14.83
C GLY B 283 -2.18 -6.76 -14.67
N CYS B 284 -3.42 -6.96 -14.29
CA CYS B 284 -4.46 -5.94 -14.26
C CYS B 284 -4.89 -5.40 -12.90
N MSE B 285 -5.36 -4.15 -12.94
CA MSE B 285 -6.10 -3.57 -11.84
C MSE B 285 -7.51 -3.39 -12.30
O MSE B 285 -7.81 -3.44 -13.53
CB MSE B 285 -5.51 -2.22 -11.34
CG MSE B 285 -5.02 -1.25 -12.41
SE MSE B 285 -6.52 -0.37 -13.35
CE MSE B 285 -7.45 0.51 -11.78
N VAL B 286 -8.39 -3.10 -11.32
CA VAL B 286 -9.77 -2.86 -11.61
C VAL B 286 -10.21 -1.63 -10.90
N ALA B 287 -11.05 -0.86 -11.57
CA ALA B 287 -11.70 0.29 -10.94
C ALA B 287 -13.19 0.13 -11.03
N LEU B 288 -13.90 0.48 -9.93
CA LEU B 288 -15.37 0.41 -9.88
C LEU B 288 -15.79 1.86 -9.96
N THR B 289 -16.71 2.21 -10.85
CA THR B 289 -17.08 3.62 -11.08
C THR B 289 -18.55 3.78 -11.21
N ALA B 290 -19.01 5.00 -11.03
CA ALA B 290 -20.38 5.34 -11.38
C ALA B 290 -20.47 5.14 -12.90
N PRO B 291 -21.61 4.63 -13.40
CA PRO B 291 -21.77 4.48 -14.87
C PRO B 291 -21.41 5.74 -15.68
N GLU B 292 -21.83 6.91 -15.21
CA GLU B 292 -21.53 8.17 -15.92
C GLU B 292 -20.07 8.71 -15.78
N LYS B 293 -19.19 7.91 -15.17
CA LYS B 293 -17.85 8.35 -14.91
C LYS B 293 -16.94 7.28 -15.50
N CYS B 294 -17.51 6.30 -16.19
CA CYS B 294 -16.70 5.13 -16.62
C CYS B 294 -15.65 5.54 -17.68
N ASN B 295 -16.15 6.30 -18.65
CA ASN B 295 -15.33 6.90 -19.71
CA ASN B 295 -15.38 6.93 -19.70
C ASN B 295 -14.20 7.74 -19.16
N GLN B 296 -14.48 8.60 -18.20
CA GLN B 296 -13.42 9.47 -17.71
C GLN B 296 -12.33 8.72 -16.97
N VAL B 297 -12.69 7.62 -16.33
CA VAL B 297 -11.73 6.82 -15.57
C VAL B 297 -10.91 6.03 -16.57
N ALA B 298 -11.60 5.53 -17.59
CA ALA B 298 -10.94 4.76 -18.65
C ALA B 298 -9.94 5.66 -19.38
N GLU B 299 -10.31 6.90 -19.63
CA GLU B 299 -9.37 7.78 -20.34
C GLU B 299 -8.19 8.10 -19.50
N ALA B 300 -8.38 8.23 -18.17
CA ALA B 300 -7.25 8.53 -17.28
C ALA B 300 -6.30 7.33 -17.21
N VAL B 301 -6.83 6.13 -17.12
CA VAL B 301 -5.96 4.90 -17.06
C VAL B 301 -5.20 4.72 -18.40
N ALA B 302 -5.92 4.94 -19.51
CA ALA B 302 -5.30 4.98 -20.83
C ALA B 302 -4.21 6.05 -20.95
N GLY B 303 -4.53 7.27 -20.55
CA GLY B 303 -3.55 8.37 -20.46
C GLY B 303 -2.21 7.97 -19.78
N ALA B 304 -2.33 7.12 -18.73
CA ALA B 304 -1.21 6.71 -17.87
C ALA B 304 -0.46 5.54 -18.50
N GLY B 305 -0.99 5.00 -19.64
CA GLY B 305 -0.34 3.94 -20.39
C GLY B 305 -0.98 2.54 -20.16
N GLY B 306 -2.10 2.43 -19.45
CA GLY B 306 -2.63 1.03 -19.23
C GLY B 306 -3.41 0.63 -20.49
N LYS B 307 -3.52 -0.66 -20.72
CA LYS B 307 -4.32 -1.20 -21.81
C LYS B 307 -5.72 -1.35 -21.20
N VAL B 308 -6.65 -0.50 -21.61
CA VAL B 308 -7.94 -0.43 -20.95
C VAL B 308 -9.07 -1.23 -21.61
N THR B 309 -9.83 -1.94 -20.79
CA THR B 309 -11.13 -2.52 -21.21
C THR B 309 -12.27 -1.98 -20.33
N ILE B 310 -13.31 -1.52 -20.97
CA ILE B 310 -14.46 -0.90 -20.26
C ILE B 310 -15.57 -1.99 -20.24
N THR B 311 -16.11 -2.30 -19.06
CA THR B 311 -17.10 -3.37 -18.95
C THR B 311 -18.07 -3.01 -17.84
N LYS B 312 -18.84 -4.01 -17.37
CA LYS B 312 -19.81 -3.79 -16.28
C LYS B 312 -20.18 -5.18 -15.66
N PRO B 313 -20.78 -5.24 -14.47
CA PRO B 313 -21.19 -6.56 -13.98
C PRO B 313 -22.21 -7.18 -14.95
N THR B 314 -22.27 -8.50 -14.94
CA THR B 314 -23.16 -9.33 -15.74
C THR B 314 -24.01 -10.17 -14.72
N GLU B 315 -25.33 -10.14 -14.89
CA GLU B 315 -26.26 -10.90 -14.08
C GLU B 315 -26.19 -12.39 -14.36
N GLN B 316 -25.90 -12.78 -15.59
CA GLN B 316 -26.02 -14.18 -15.90
C GLN B 316 -24.67 -14.78 -16.03
N GLY B 317 -24.58 -16.06 -15.77
CA GLY B 317 -23.34 -16.78 -15.99
C GLY B 317 -23.39 -17.41 -17.38
N LEU B 318 -23.17 -18.72 -17.45
CA LEU B 318 -23.39 -19.48 -18.68
C LEU B 318 -24.76 -19.15 -19.27
N LYS B 319 -24.80 -18.88 -20.57
CA LYS B 319 -26.08 -18.73 -21.24
C LYS B 319 -26.15 -19.21 -22.65
N VAL B 320 -27.32 -19.74 -23.06
CA VAL B 320 -27.54 -20.08 -24.48
C VAL B 320 -27.85 -18.76 -25.14
N ASP B 321 -27.02 -18.35 -26.09
CA ASP B 321 -27.18 -17.00 -26.62
C ASP B 321 -28.35 -16.93 -27.61
MG MG C . 12.02 29.86 15.98
MG MG D . -8.91 -24.55 -25.62
#